data_8ALK
#
_entry.id   8ALK
#
_cell.length_a   119.332
_cell.length_b   119.332
_cell.length_c   79.058
_cell.angle_alpha   90.000
_cell.angle_beta   90.000
_cell.angle_gamma   120.000
#
_symmetry.space_group_name_H-M   'P 61'
#
loop_
_entity.id
_entity.type
_entity.pdbx_description
1 polymer 'Phosphocholine hydrolase Lem3'
2 polymer 'Ras-related protein Rab-1B'
3 non-polymer 'CALCIUM ION'
4 non-polymer "GUANOSINE-5'-DIPHOSPHATE"
5 non-polymer 2-[[[5-(4-azanyl-2-oxidanylidene-pyrimidin-1-yl)-3,4-bis(oxidanyl)oxolan-2-yl]methoxy-oxidanyl-phosphoryl]oxy-oxidanyl-phosphoryl]oxyethyl-[3-(2-chloranylethanoylamino)propyl]-dimethyl-azanium
6 water water
#
loop_
_entity_poly.entity_id
_entity_poly.type
_entity_poly.pdbx_seq_one_letter_code
_entity_poly.pdbx_strand_id
1 'polypeptide(L)'
;GHMDKIITGKKIIFSQSVAKDQTKNLSSFLSERFYSVNQSHNHSIIIGSSLSHQENDIEHDTILDTSGVLVTTDTNGIVN
GARVAITDGLGGGNGDQEEDDEIYRVSHSSCENFLNSDQNIDTTLSLITQPKASDKKQTAPKTLQHTEASMAAFIYQNHP
GKGYIGEFANIGDGLIIILDKRFKIKHMVSASHIYRGFGTWTPPSLQALATTANKDALLVRQTLKLAEGDIIISMTDGVW
GELKTSLIAQTNDRRDIGVDKEYFKTLFDELTDAPYPSSFDIARIITQRAMSRSLERRKTLIKLINEIEQQHFHEKSVKT
INEVLEYFIKTGHVETAQTLKAILFEDGLSDGITYFENIEIPLEMVMHDLKSRCVGDCSTINVTRIPYHLDELIRGFINY
PEKHQILAPLFKARVKSEADLEEAFHRLSLEMVQPEIESPISETHFERAFKKETLDKTQAVLTHYFRIS
;
A
2 'polypeptide(L)'
;GPMPEYDYLFKLLLIGDSGVGKSCLLLRFADDTYTESYISTIGVDFKIRTIELDGKTIKLQIWDTAGQERFRTITSTYYR
GAHGIIVVYDVTDQESYANVKQWLQEIDRYASENVNKLLVGNKSDLTTKKVVDNTTAKEFADSLGIPFLETSAKNATNVE
QAFMTMAAEIKKRMG
;
B
#
loop_
_chem_comp.id
_chem_comp.type
_chem_comp.name
_chem_comp.formula
CA non-polymer 'CALCIUM ION' 'Ca 2'
GDP RNA linking GUANOSINE-5'-DIPHOSPHATE 'C10 H15 N5 O11 P2'
OJU non-polymer 2-[[[5-(4-azanyl-2-oxidanylidene-pyrimidin-1-yl)-3,4-bis(oxidanyl)oxolan-2-yl]methoxy-oxidanyl-phosphoryl]oxy-oxidanyl-phosphoryl]oxyethyl-[3-(2-chloranylethanoylamino)propyl]-dimethyl-azanium 'C18 H33 Cl N5 O12 P2 1'
#
# COMPACT_ATOMS: atom_id res chain seq x y z
N MET A 3 -23.67 -15.44 8.05
CA MET A 3 -24.80 -14.73 7.49
C MET A 3 -24.44 -14.10 6.15
N ASP A 4 -24.48 -12.76 6.09
CA ASP A 4 -24.16 -12.06 4.85
C ASP A 4 -22.65 -12.06 4.62
N LYS A 5 -22.26 -12.36 3.37
CA LYS A 5 -20.87 -12.30 2.95
C LYS A 5 -20.81 -11.44 1.70
N ILE A 6 -20.02 -10.37 1.75
CA ILE A 6 -19.91 -9.44 0.64
C ILE A 6 -18.43 -9.14 0.42
N ILE A 7 -18.00 -9.21 -0.84
CA ILE A 7 -16.65 -8.86 -1.25
C ILE A 7 -16.77 -7.93 -2.44
N THR A 8 -16.01 -6.83 -2.42
CA THR A 8 -16.14 -5.87 -3.50
C THR A 8 -15.68 -6.49 -4.83
N GLY A 9 -16.28 -6.02 -5.91
CA GLY A 9 -15.88 -6.47 -7.22
C GLY A 9 -14.81 -5.60 -7.84
N LYS A 10 -14.15 -6.17 -8.84
CA LYS A 10 -13.17 -5.41 -9.61
C LYS A 10 -13.82 -4.20 -10.24
N LYS A 11 -13.29 -3.02 -9.93
CA LYS A 11 -13.78 -1.76 -10.46
C LYS A 11 -12.78 -1.25 -11.49
N ILE A 12 -13.28 -0.87 -12.67
CA ILE A 12 -12.45 -0.32 -13.73
C ILE A 12 -13.05 1.01 -14.15
N ILE A 13 -12.25 2.09 -14.08
CA ILE A 13 -12.75 3.41 -14.41
C ILE A 13 -11.87 4.06 -15.46
N PHE A 14 -12.43 5.06 -16.13
CA PHE A 14 -11.69 5.94 -17.02
C PHE A 14 -11.12 7.07 -16.17
N SER A 15 -9.81 7.12 -16.02
CA SER A 15 -9.15 8.10 -15.17
C SER A 15 -8.58 9.22 -16.03
N GLN A 16 -9.21 10.38 -15.97
CA GLN A 16 -8.70 11.53 -16.72
C GLN A 16 -7.36 11.98 -16.17
N SER A 17 -6.61 12.67 -17.01
CA SER A 17 -5.31 13.18 -16.59
C SER A 17 -5.50 14.32 -15.59
N VAL A 18 -4.41 14.66 -14.89
CA VAL A 18 -4.43 15.81 -14.01
C VAL A 18 -4.71 17.08 -14.79
N ALA A 19 -4.27 17.14 -16.05
CA ALA A 19 -4.52 18.32 -16.87
C ALA A 19 -6.01 18.57 -17.06
N LYS A 20 -6.82 17.51 -17.08
CA LYS A 20 -8.25 17.65 -17.26
C LYS A 20 -9.03 17.68 -15.95
N ASP A 21 -8.49 17.11 -14.87
CA ASP A 21 -9.09 17.22 -13.55
C ASP A 21 -8.80 18.55 -12.88
N GLN A 22 -7.94 19.39 -13.47
CA GLN A 22 -7.50 20.62 -12.83
C GLN A 22 -8.65 21.61 -12.63
N THR A 23 -9.67 21.56 -13.49
CA THR A 23 -10.83 22.44 -13.38
C THR A 23 -12.04 21.74 -12.79
N LYS A 24 -11.81 20.70 -11.99
CA LYS A 24 -12.87 19.86 -11.48
C LYS A 24 -13.09 20.11 -9.99
N ASN A 25 -14.34 20.19 -9.59
CA ASN A 25 -14.66 20.31 -8.18
C ASN A 25 -14.67 18.94 -7.52
N LEU A 26 -14.75 18.93 -6.19
CA LEU A 26 -14.60 17.69 -5.43
C LEU A 26 -15.76 16.74 -5.69
N SER A 27 -16.99 17.26 -5.76
CA SER A 27 -18.15 16.41 -6.01
C SER A 27 -18.02 15.68 -7.34
N SER A 28 -17.58 16.38 -8.39
CA SER A 28 -17.42 15.75 -9.69
C SER A 28 -16.31 14.71 -9.67
N PHE A 29 -15.21 15.00 -8.98
CA PHE A 29 -14.11 14.04 -8.87
C PHE A 29 -14.57 12.76 -8.20
N LEU A 30 -15.32 12.87 -7.11
CA LEU A 30 -15.77 11.69 -6.38
C LEU A 30 -16.74 10.86 -7.22
N SER A 31 -17.70 11.52 -7.87
CA SER A 31 -18.71 10.80 -8.64
C SER A 31 -18.09 9.99 -9.77
N GLU A 32 -17.02 10.50 -10.39
CA GLU A 32 -16.45 9.82 -11.53
C GLU A 32 -15.61 8.62 -11.14
N ARG A 33 -15.21 8.51 -9.88
CA ARG A 33 -14.15 7.59 -9.50
C ARG A 33 -14.48 6.62 -8.39
N PHE A 34 -15.64 6.71 -7.74
CA PHE A 34 -15.85 5.96 -6.51
C PHE A 34 -17.16 5.20 -6.52
N TYR A 35 -17.17 4.12 -5.74
CA TYR A 35 -18.31 3.22 -5.57
C TYR A 35 -18.53 2.99 -4.08
N SER A 36 -19.74 2.63 -3.72
CA SER A 36 -20.06 2.26 -2.35
C SER A 36 -20.63 0.86 -2.31
N VAL A 37 -20.25 0.09 -1.30
CA VAL A 37 -20.83 -1.22 -1.01
C VAL A 37 -21.29 -1.19 0.43
N ASN A 38 -22.58 -1.47 0.67
CA ASN A 38 -23.17 -1.32 1.99
C ASN A 38 -23.84 -2.61 2.41
N GLN A 39 -23.24 -3.30 3.37
CA GLN A 39 -23.83 -4.53 3.91
C GLN A 39 -25.00 -4.24 4.84
N SER A 40 -24.94 -3.14 5.59
CA SER A 40 -26.00 -2.73 6.51
C SER A 40 -25.64 -1.36 7.05
N HIS A 41 -26.48 -0.85 7.95
CA HIS A 41 -26.18 0.39 8.66
C HIS A 41 -24.81 0.35 9.32
N ASN A 42 -24.39 -0.82 9.78
CA ASN A 42 -23.20 -0.98 10.60
C ASN A 42 -21.99 -1.52 9.85
N HIS A 43 -22.06 -1.71 8.53
CA HIS A 43 -20.84 -1.99 7.78
C HIS A 43 -20.93 -1.44 6.37
N SER A 44 -19.94 -0.66 5.98
CA SER A 44 -19.95 0.01 4.68
C SER A 44 -18.56 0.05 4.10
N ILE A 45 -18.50 0.06 2.77
CA ILE A 45 -17.24 0.10 2.01
C ILE A 45 -17.36 1.20 0.97
N ILE A 46 -16.33 2.04 0.87
CA ILE A 46 -16.17 2.96 -0.25
C ILE A 46 -14.89 2.58 -0.97
N ILE A 47 -14.97 2.39 -2.29
CA ILE A 47 -13.85 1.90 -3.06
C ILE A 47 -13.79 2.67 -4.38
N GLY A 48 -12.58 3.08 -4.77
CA GLY A 48 -12.43 3.82 -6.00
C GLY A 48 -10.97 4.04 -6.32
N SER A 49 -10.73 4.93 -7.29
CA SER A 49 -9.37 5.24 -7.70
C SER A 49 -9.21 6.74 -7.86
N SER A 50 -8.20 7.31 -7.18
CA SER A 50 -7.79 8.68 -7.41
C SER A 50 -6.56 8.75 -8.32
N LEU A 51 -6.18 7.64 -8.93
CA LEU A 51 -4.97 7.60 -9.75
C LEU A 51 -5.15 8.42 -11.02
N SER A 52 -4.06 9.07 -11.45
CA SER A 52 -4.12 9.91 -12.63
C SER A 52 -2.70 10.21 -13.12
N HIS A 53 -2.51 10.17 -14.44
CA HIS A 53 -1.30 10.67 -15.06
C HIS A 53 -1.39 12.18 -15.24
N GLN A 54 -0.23 12.82 -15.35
CA GLN A 54 -0.24 14.28 -15.44
C GLN A 54 -0.81 14.76 -16.78
N GLU A 55 -0.51 14.06 -17.87
CA GLU A 55 -0.93 14.53 -19.18
C GLU A 55 -1.73 13.52 -19.99
N ASN A 56 -1.70 12.24 -19.66
CA ASN A 56 -2.37 11.20 -20.43
C ASN A 56 -3.54 10.63 -19.66
N ASP A 57 -4.61 10.29 -20.38
CA ASP A 57 -5.75 9.61 -19.79
C ASP A 57 -5.48 8.11 -19.70
N ILE A 58 -5.93 7.50 -18.61
CA ILE A 58 -5.83 6.06 -18.42
C ILE A 58 -7.16 5.46 -18.82
N GLU A 59 -7.19 4.78 -19.96
CA GLU A 59 -8.44 4.26 -20.51
C GLU A 59 -9.05 3.21 -19.60
N HIS A 60 -8.23 2.34 -19.01
CA HIS A 60 -8.68 1.25 -18.15
C HIS A 60 -7.86 1.26 -16.87
N ASP A 61 -8.36 1.97 -15.87
CA ASP A 61 -7.70 2.09 -14.57
C ASP A 61 -8.38 1.11 -13.62
N THR A 62 -7.78 -0.06 -13.44
CA THR A 62 -8.33 -1.10 -12.59
C THR A 62 -8.00 -0.80 -11.13
N ILE A 63 -9.03 -0.80 -10.27
CA ILE A 63 -8.79 -0.64 -8.84
C ILE A 63 -8.24 -1.95 -8.30
N LEU A 64 -7.04 -1.90 -7.72
CA LEU A 64 -6.35 -3.11 -7.29
C LEU A 64 -6.52 -3.39 -5.80
N ASP A 65 -7.46 -2.75 -5.13
CA ASP A 65 -7.82 -3.04 -3.76
C ASP A 65 -9.04 -3.96 -3.73
N THR A 66 -9.22 -4.63 -2.59
CA THR A 66 -10.42 -5.42 -2.32
C THR A 66 -10.79 -5.25 -0.85
N SER A 67 -12.08 -5.29 -0.56
CA SER A 67 -12.57 -5.26 0.81
C SER A 67 -13.75 -6.21 0.92
N GLY A 68 -13.87 -6.88 2.07
CA GLY A 68 -14.91 -7.87 2.25
C GLY A 68 -15.32 -8.01 3.69
N VAL A 69 -16.46 -8.65 3.90
CA VAL A 69 -17.00 -8.84 5.25
C VAL A 69 -17.82 -10.13 5.28
N LEU A 70 -17.72 -10.85 6.39
CA LEU A 70 -18.60 -11.97 6.70
C LEU A 70 -19.18 -11.72 8.09
N VAL A 71 -20.49 -11.60 8.18
CA VAL A 71 -21.17 -11.42 9.45
C VAL A 71 -21.50 -12.80 10.02
N THR A 72 -21.12 -13.05 11.26
CA THR A 72 -21.38 -14.32 11.92
C THR A 72 -22.47 -14.16 12.96
N THR A 73 -23.11 -15.29 13.31
CA THR A 73 -24.21 -15.32 14.25
C THR A 73 -23.98 -16.42 15.27
N ASP A 74 -24.80 -16.43 16.31
CA ASP A 74 -24.77 -17.51 17.29
C ASP A 74 -25.74 -18.60 16.84
N THR A 75 -25.94 -19.63 17.69
CA THR A 75 -26.79 -20.75 17.29
C THR A 75 -28.24 -20.32 17.08
N ASN A 76 -28.66 -19.20 17.65
CA ASN A 76 -30.02 -18.70 17.46
C ASN A 76 -30.16 -17.82 16.22
N GLY A 77 -29.06 -17.56 15.50
CA GLY A 77 -29.12 -16.65 14.38
C GLY A 77 -28.98 -15.19 14.75
N ILE A 78 -28.57 -14.88 15.98
CA ILE A 78 -28.35 -13.51 16.42
C ILE A 78 -26.92 -13.11 16.08
N VAL A 79 -26.77 -11.96 15.41
CA VAL A 79 -25.44 -11.49 15.03
C VAL A 79 -24.58 -11.34 16.28
N ASN A 80 -23.37 -11.91 16.24
CA ASN A 80 -22.48 -11.83 17.38
C ASN A 80 -21.02 -11.63 16.99
N GLY A 81 -20.73 -11.34 15.72
CA GLY A 81 -19.35 -11.14 15.31
C GLY A 81 -19.26 -10.92 13.82
N ALA A 82 -18.02 -10.83 13.34
CA ALA A 82 -17.79 -10.61 11.91
C ALA A 82 -16.31 -10.84 11.60
N ARG A 83 -16.06 -11.18 10.34
CA ARG A 83 -14.72 -11.19 9.78
C ARG A 83 -14.64 -10.09 8.74
N VAL A 84 -13.61 -9.26 8.82
CA VAL A 84 -13.43 -8.12 7.93
C VAL A 84 -11.99 -8.15 7.41
N ALA A 85 -11.83 -7.92 6.11
CA ALA A 85 -10.51 -7.87 5.51
C ALA A 85 -10.46 -6.81 4.42
N ILE A 86 -9.30 -6.20 4.27
CA ILE A 86 -9.04 -5.25 3.19
C ILE A 86 -7.66 -5.57 2.63
N THR A 87 -7.54 -5.58 1.30
CA THR A 87 -6.30 -5.96 0.64
C THR A 87 -5.91 -4.88 -0.36
N ASP A 88 -4.59 -4.82 -0.62
CA ASP A 88 -3.99 -3.79 -1.48
C ASP A 88 -3.03 -4.52 -2.41
N GLY A 89 -3.46 -4.73 -3.66
CA GLY A 89 -2.60 -5.40 -4.62
C GLY A 89 -1.39 -4.56 -4.95
N LEU A 90 -0.20 -5.13 -4.79
CA LEU A 90 1.04 -4.40 -4.99
C LEU A 90 1.45 -4.41 -6.45
N GLY A 91 1.77 -3.24 -6.98
CA GLY A 91 2.16 -3.10 -8.38
C GLY A 91 1.03 -2.63 -9.25
N GLY A 92 1.24 -2.76 -10.56
CA GLY A 92 0.24 -2.38 -11.53
C GLY A 92 0.14 -0.88 -11.71
N GLY A 93 -0.91 -0.48 -12.42
CA GLY A 93 -1.11 0.91 -12.77
C GLY A 93 -0.22 1.38 -13.89
N ASP A 96 -1.12 -1.89 -18.29
CA ASP A 96 -1.29 -3.27 -18.75
C ASP A 96 -2.45 -3.93 -18.03
N GLN A 97 -3.54 -4.17 -18.76
CA GLN A 97 -4.71 -4.79 -18.14
C GLN A 97 -4.45 -6.26 -17.80
N GLU A 98 -3.63 -6.95 -18.59
CA GLU A 98 -3.27 -8.32 -18.27
C GLU A 98 -2.58 -8.40 -16.91
N GLU A 99 -1.58 -7.54 -16.71
CA GLU A 99 -0.89 -7.49 -15.42
C GLU A 99 -1.84 -7.07 -14.30
N ASP A 100 -2.67 -6.05 -14.55
CA ASP A 100 -3.61 -5.60 -13.53
C ASP A 100 -4.58 -6.71 -13.14
N ASP A 101 -5.01 -7.52 -14.11
CA ASP A 101 -5.92 -8.62 -13.81
C ASP A 101 -5.27 -9.63 -12.86
N GLU A 102 -3.99 -9.94 -13.09
CA GLU A 102 -3.33 -10.93 -12.24
C GLU A 102 -3.12 -10.41 -10.82
N ILE A 103 -2.79 -9.12 -10.69
CA ILE A 103 -2.63 -8.54 -9.36
C ILE A 103 -3.97 -8.55 -8.63
N TYR A 104 -5.04 -8.16 -9.31
CA TYR A 104 -6.35 -8.15 -8.65
C TYR A 104 -6.77 -9.55 -8.21
N ARG A 105 -6.43 -10.57 -9.01
CA ARG A 105 -6.78 -11.94 -8.66
C ARG A 105 -6.21 -12.32 -7.29
N VAL A 106 -4.95 -11.97 -7.04
CA VAL A 106 -4.33 -12.32 -5.76
C VAL A 106 -4.91 -11.46 -4.64
N SER A 107 -5.17 -10.18 -4.92
CA SER A 107 -5.78 -9.31 -3.93
C SER A 107 -7.18 -9.80 -3.54
N HIS A 108 -7.98 -10.16 -4.54
CA HIS A 108 -9.34 -10.63 -4.27
C HIS A 108 -9.34 -11.98 -3.57
N SER A 109 -8.54 -12.93 -4.07
CA SER A 109 -8.51 -14.26 -3.46
C SER A 109 -7.97 -14.25 -2.03
N SER A 110 -7.03 -13.36 -1.74
CA SER A 110 -6.52 -13.27 -0.37
C SER A 110 -7.60 -12.78 0.58
N CYS A 111 -8.41 -11.83 0.12
CA CYS A 111 -9.52 -11.34 0.94
C CYS A 111 -10.56 -12.43 1.15
N GLU A 112 -10.92 -13.16 0.09
CA GLU A 112 -11.97 -14.16 0.22
C GLU A 112 -11.53 -15.35 1.06
N ASN A 113 -10.27 -15.76 0.94
CA ASN A 113 -9.78 -16.87 1.76
C ASN A 113 -9.78 -16.51 3.24
N PHE A 114 -9.50 -15.25 3.58
CA PHE A 114 -9.59 -14.82 4.97
C PHE A 114 -11.03 -14.89 5.46
N LEU A 115 -11.98 -14.44 4.64
CA LEU A 115 -13.37 -14.45 5.05
C LEU A 115 -13.91 -15.87 5.17
N ASN A 116 -13.47 -16.77 4.29
CA ASN A 116 -14.04 -18.11 4.22
C ASN A 116 -13.52 -19.05 5.31
N SER A 117 -12.39 -18.74 5.93
CA SER A 117 -11.90 -19.58 7.03
C SER A 117 -12.83 -19.48 8.22
N ASP A 118 -12.83 -20.55 9.02
CA ASP A 118 -13.58 -20.57 10.26
C ASP A 118 -12.62 -20.78 11.42
N GLN A 119 -11.53 -20.01 11.43
CA GLN A 119 -10.45 -20.17 12.38
C GLN A 119 -10.13 -18.83 13.03
N ASN A 120 -9.38 -18.88 14.14
CA ASN A 120 -8.86 -17.65 14.70
C ASN A 120 -7.87 -17.00 13.71
N ILE A 121 -7.50 -15.75 14.00
CA ILE A 121 -6.74 -14.99 13.02
C ILE A 121 -5.35 -15.59 12.79
N ASP A 122 -4.76 -16.19 13.84
CA ASP A 122 -3.43 -16.75 13.68
C ASP A 122 -3.46 -18.01 12.82
N THR A 123 -4.42 -18.91 13.07
CA THR A 123 -4.55 -20.09 12.24
C THR A 123 -4.96 -19.73 10.82
N THR A 124 -5.86 -18.74 10.68
CA THR A 124 -6.31 -18.31 9.36
C THR A 124 -5.14 -17.83 8.51
N LEU A 125 -4.26 -17.01 9.10
CA LEU A 125 -3.10 -16.52 8.36
C LEU A 125 -2.16 -17.66 7.97
N SER A 126 -2.03 -18.67 8.84
CA SER A 126 -1.19 -19.82 8.51
C SER A 126 -1.77 -20.60 7.33
N LEU A 127 -3.09 -20.62 7.19
CA LEU A 127 -3.71 -21.42 6.14
C LEU A 127 -3.69 -20.72 4.80
N ILE A 128 -3.86 -19.39 4.79
CA ILE A 128 -3.99 -18.65 3.54
C ILE A 128 -2.65 -18.22 2.97
N THR A 129 -1.55 -18.45 3.68
CA THR A 129 -0.22 -18.10 3.19
C THR A 129 0.56 -19.30 2.68
N GLN A 130 0.49 -20.43 3.37
CA GLN A 130 1.24 -21.62 2.98
C GLN A 130 0.58 -22.32 1.81
N HIS A 146 4.44 -14.51 -9.20
CA HIS A 146 5.02 -14.02 -7.96
C HIS A 146 4.43 -12.69 -7.55
N THR A 147 3.10 -12.55 -7.67
CA THR A 147 2.42 -11.31 -7.36
C THR A 147 1.97 -11.28 -5.91
N GLU A 148 1.88 -10.07 -5.37
CA GLU A 148 1.72 -9.89 -3.93
C GLU A 148 0.56 -8.95 -3.64
N ALA A 149 0.04 -9.08 -2.42
CA ALA A 149 -0.95 -8.14 -1.90
C ALA A 149 -0.75 -8.02 -0.40
N SER A 150 -0.86 -6.79 0.11
CA SER A 150 -0.87 -6.53 1.54
C SER A 150 -2.29 -6.67 2.07
N MET A 151 -2.42 -6.79 3.39
CA MET A 151 -3.72 -7.05 3.99
C MET A 151 -3.80 -6.47 5.39
N ALA A 152 -4.91 -5.80 5.67
CA ALA A 152 -5.30 -5.42 7.02
C ALA A 152 -6.64 -6.09 7.32
N ALA A 153 -6.71 -6.83 8.42
CA ALA A 153 -7.89 -7.65 8.64
C ALA A 153 -8.13 -7.81 10.14
N PHE A 154 -9.38 -8.12 10.48
CA PHE A 154 -9.69 -8.41 11.87
C PHE A 154 -10.89 -9.34 11.96
N ILE A 155 -11.02 -9.97 13.13
CA ILE A 155 -12.14 -10.81 13.49
C ILE A 155 -12.58 -10.41 14.89
N TYR A 156 -13.89 -10.29 15.10
CA TYR A 156 -14.39 -10.07 16.44
C TYR A 156 -15.59 -10.97 16.68
N GLN A 157 -15.82 -11.28 17.95
CA GLN A 157 -16.88 -12.20 18.32
C GLN A 157 -17.25 -11.94 19.76
N ASN A 158 -18.54 -12.02 20.06
CA ASN A 158 -18.99 -11.98 21.44
C ASN A 158 -18.67 -13.29 22.13
N HIS A 159 -18.05 -13.20 23.31
CA HIS A 159 -17.76 -14.38 24.10
C HIS A 159 -18.54 -14.31 25.41
N PRO A 160 -19.33 -15.34 25.72
CA PRO A 160 -20.11 -15.32 26.97
C PRO A 160 -19.23 -15.07 28.19
N GLY A 161 -19.68 -14.16 29.05
CA GLY A 161 -18.94 -13.77 30.23
C GLY A 161 -17.77 -12.85 29.97
N LYS A 162 -17.43 -12.58 28.72
CA LYS A 162 -16.29 -11.73 28.39
C LYS A 162 -16.62 -10.56 27.49
N GLY A 163 -17.71 -10.60 26.72
CA GLY A 163 -18.01 -9.53 25.79
C GLY A 163 -17.26 -9.70 24.48
N TYR A 164 -17.20 -8.60 23.73
CA TYR A 164 -16.57 -8.61 22.42
C TYR A 164 -15.05 -8.63 22.55
N ILE A 165 -14.40 -9.52 21.80
CA ILE A 165 -12.95 -9.55 21.69
C ILE A 165 -12.62 -9.50 20.20
N GLY A 166 -11.69 -8.62 19.84
CA GLY A 166 -11.27 -8.46 18.45
C GLY A 166 -9.82 -8.87 18.28
N GLU A 167 -9.56 -9.65 17.24
CA GLU A 167 -8.21 -10.02 16.84
C GLU A 167 -7.86 -9.23 15.59
N PHE A 168 -6.70 -8.57 15.61
CA PHE A 168 -6.31 -7.66 14.54
C PHE A 168 -4.98 -8.10 13.95
N ALA A 169 -4.87 -7.99 12.62
CA ALA A 169 -3.63 -8.30 11.93
C ALA A 169 -3.44 -7.31 10.79
N ASN A 170 -2.23 -6.79 10.64
CA ASN A 170 -1.92 -5.83 9.59
C ASN A 170 -0.60 -6.23 8.96
N ILE A 171 -0.60 -6.36 7.64
CA ILE A 171 0.59 -6.76 6.88
C ILE A 171 0.71 -5.77 5.74
N GLY A 172 1.67 -4.87 5.84
CA GLY A 172 1.83 -3.82 4.85
C GLY A 172 1.48 -2.46 5.39
N ASP A 173 1.09 -1.56 4.48
CA ASP A 173 0.87 -0.16 4.82
C ASP A 173 -0.60 0.24 4.77
N GLY A 174 -1.51 -0.71 4.89
CA GLY A 174 -2.87 -0.39 5.30
C GLY A 174 -2.89 0.08 6.75
N LEU A 175 -4.04 0.58 7.18
CA LEU A 175 -4.16 1.12 8.53
C LEU A 175 -5.49 0.73 9.14
N ILE A 176 -5.49 0.38 10.43
CA ILE A 176 -6.70 0.10 11.19
C ILE A 176 -6.76 1.05 12.39
N ILE A 177 -7.91 1.70 12.58
CA ILE A 177 -8.13 2.59 13.71
C ILE A 177 -9.42 2.17 14.42
N ILE A 178 -9.36 2.09 15.75
CA ILE A 178 -10.50 1.72 16.59
C ILE A 178 -10.92 2.94 17.39
N LEU A 179 -12.19 3.30 17.31
CA LEU A 179 -12.75 4.43 18.04
C LEU A 179 -13.95 3.97 18.87
N ASP A 180 -14.32 4.78 19.85
CA ASP A 180 -15.53 4.50 20.63
C ASP A 180 -16.72 5.19 19.98
N LYS A 181 -17.92 5.00 20.56
CA LYS A 181 -19.13 5.51 19.93
C LYS A 181 -19.17 7.04 19.88
N ARG A 182 -18.31 7.72 20.63
CA ARG A 182 -18.20 9.17 20.56
C ARG A 182 -17.02 9.62 19.70
N PHE A 183 -16.46 8.72 18.91
CA PHE A 183 -15.39 8.98 17.94
C PHE A 183 -14.08 9.40 18.60
N LYS A 184 -13.85 9.00 19.85
CA LYS A 184 -12.56 9.16 20.48
C LYS A 184 -11.68 7.96 20.15
N ILE A 185 -10.46 8.23 19.68
CA ILE A 185 -9.57 7.16 19.25
C ILE A 185 -9.19 6.29 20.44
N LYS A 186 -9.30 4.97 20.26
CA LYS A 186 -8.97 3.98 21.27
C LYS A 186 -7.67 3.24 21.00
N HIS A 187 -7.40 2.91 19.74
CA HIS A 187 -6.22 2.14 19.36
C HIS A 187 -5.98 2.33 17.87
N MET A 188 -4.73 2.13 17.47
CA MET A 188 -4.34 2.20 16.06
C MET A 188 -3.41 1.04 15.75
N VAL A 189 -3.76 0.26 14.73
CA VAL A 189 -2.90 -0.79 14.22
C VAL A 189 -2.09 -0.15 13.09
N SER A 190 -0.83 0.14 13.36
CA SER A 190 -0.07 1.03 12.49
C SER A 190 0.37 0.33 11.21
N ALA A 191 0.66 1.14 10.20
CA ALA A 191 1.25 0.70 8.95
C ALA A 191 2.75 0.51 9.10
N SER A 192 3.30 -0.42 8.32
CA SER A 192 4.72 -0.79 8.41
C SER A 192 5.39 -0.69 7.05
N HIS A 193 6.62 -0.18 7.06
CA HIS A 193 7.56 -0.30 5.96
C HIS A 193 8.83 -0.96 6.47
N ILE A 194 9.37 -1.88 5.68
CA ILE A 194 10.61 -2.58 6.03
C ILE A 194 11.74 -2.01 5.18
N TYR A 195 12.84 -1.65 5.83
CA TYR A 195 13.99 -1.14 5.08
C TYR A 195 14.68 -2.28 4.35
N ARG A 196 14.93 -2.07 3.07
CA ARG A 196 15.53 -3.10 2.22
C ARG A 196 16.88 -2.69 1.66
N GLY A 197 17.55 -1.73 2.29
CA GLY A 197 18.84 -1.26 1.82
C GLY A 197 18.75 -0.39 0.58
N PHE A 198 19.85 0.30 0.26
CA PHE A 198 19.95 1.15 -0.92
C PHE A 198 18.86 2.23 -0.93
N GLY A 199 18.50 2.73 0.25
CA GLY A 199 17.53 3.80 0.36
C GLY A 199 16.11 3.44 0.01
N THR A 200 15.76 2.16 0.02
CA THR A 200 14.46 1.70 -0.45
C THR A 200 13.66 1.09 0.71
N TRP A 201 12.42 1.54 0.86
CA TRP A 201 11.47 0.98 1.81
C TRP A 201 10.36 0.26 1.06
N THR A 202 9.83 -0.79 1.69
CA THR A 202 8.78 -1.62 1.06
C THR A 202 7.76 -2.07 2.08
N PRO A 203 6.47 -1.99 1.76
CA PRO A 203 5.45 -2.55 2.64
C PRO A 203 5.45 -4.06 2.60
N PRO A 204 5.38 -4.73 3.75
CA PRO A 204 5.26 -6.19 3.74
C PRO A 204 4.01 -6.64 3.00
N SER A 205 4.07 -7.83 2.42
CA SER A 205 2.94 -8.42 1.74
C SER A 205 2.57 -9.73 2.42
N LEU A 206 1.33 -10.17 2.17
CA LEU A 206 0.87 -11.43 2.71
C LEU A 206 1.66 -12.61 2.14
N GLN A 207 1.99 -12.54 0.84
CA GLN A 207 2.76 -13.61 0.23
C GLN A 207 4.20 -13.61 0.72
N ALA A 208 4.74 -12.43 1.06
CA ALA A 208 6.06 -12.38 1.68
C ALA A 208 6.05 -13.04 3.05
N LEU A 209 4.92 -12.97 3.76
CA LEU A 209 4.78 -13.64 5.05
C LEU A 209 4.95 -15.14 4.92
N ALA A 210 4.78 -15.69 3.72
CA ALA A 210 4.98 -17.11 3.49
C ALA A 210 6.40 -17.45 3.05
N THR A 211 7.10 -16.51 2.39
CA THR A 211 8.44 -16.77 1.90
C THR A 211 9.46 -15.88 2.60
N THR A 212 9.45 -15.87 3.93
CA THR A 212 10.36 -15.05 4.71
C THR A 212 10.71 -15.79 5.98
N ALA A 213 11.98 -15.67 6.40
CA ALA A 213 12.43 -16.36 7.60
C ALA A 213 11.79 -15.76 8.85
N ASN A 214 11.74 -14.43 8.94
CA ASN A 214 11.24 -13.75 10.13
C ASN A 214 9.80 -13.29 9.88
N LYS A 215 8.86 -13.87 10.64
CA LYS A 215 7.44 -13.59 10.46
C LYS A 215 6.98 -12.39 11.28
N ASP A 216 7.36 -12.32 12.56
CA ASP A 216 6.86 -11.25 13.41
C ASP A 216 7.36 -9.87 12.98
N ALA A 217 8.36 -9.80 12.09
CA ALA A 217 8.80 -8.51 11.58
C ALA A 217 7.83 -7.94 10.55
N LEU A 218 7.13 -8.81 9.80
CA LEU A 218 6.24 -8.36 8.75
C LEU A 218 4.78 -8.26 9.19
N LEU A 219 4.42 -8.82 10.35
CA LEU A 219 3.04 -8.94 10.78
C LEU A 219 2.81 -8.20 12.08
N VAL A 220 1.80 -7.34 12.10
CA VAL A 220 1.39 -6.63 13.32
C VAL A 220 0.13 -7.30 13.85
N ARG A 221 0.19 -7.78 15.09
CA ARG A 221 -0.92 -8.48 15.72
C ARG A 221 -1.35 -7.77 17.00
N GLN A 222 -2.66 -7.71 17.22
CA GLN A 222 -3.19 -7.11 18.44
C GLN A 222 -4.53 -7.76 18.77
N THR A 223 -4.79 -7.92 20.07
CA THR A 223 -6.03 -8.50 20.57
C THR A 223 -6.61 -7.55 21.61
N LEU A 224 -7.83 -7.11 21.40
CA LEU A 224 -8.43 -6.04 22.18
C LEU A 224 -9.84 -6.42 22.61
N LYS A 225 -10.22 -6.00 23.81
CA LYS A 225 -11.62 -5.98 24.17
C LYS A 225 -12.31 -4.83 23.43
N LEU A 226 -13.48 -5.09 22.89
CA LEU A 226 -14.27 -4.07 22.22
C LEU A 226 -15.59 -3.87 22.96
N ALA A 227 -16.15 -2.67 22.86
CA ALA A 227 -17.41 -2.35 23.49
C ALA A 227 -18.49 -2.12 22.45
N GLU A 228 -19.74 -2.25 22.88
CA GLU A 228 -20.87 -1.92 22.03
C GLU A 228 -20.73 -0.51 21.47
N GLY A 229 -20.97 -0.38 20.17
CA GLY A 229 -20.92 0.92 19.53
C GLY A 229 -19.55 1.37 19.09
N ASP A 230 -18.51 0.60 19.38
CA ASP A 230 -17.17 0.94 18.90
C ASP A 230 -17.16 0.98 17.37
N ILE A 231 -16.28 1.83 16.83
CA ILE A 231 -16.14 2.03 15.39
C ILE A 231 -14.76 1.56 14.96
N ILE A 232 -14.71 0.67 13.98
CA ILE A 232 -13.46 0.18 13.42
C ILE A 232 -13.35 0.62 11.98
N ILE A 233 -12.27 1.29 11.64
CA ILE A 233 -12.04 1.85 10.31
C ILE A 233 -10.76 1.23 9.76
N SER A 234 -10.85 0.59 8.60
CA SER A 234 -9.69 0.06 7.89
C SER A 234 -9.51 0.82 6.59
N MET A 235 -8.26 1.16 6.27
CA MET A 235 -7.98 1.97 5.09
C MET A 235 -6.74 1.46 4.37
N THR A 236 -6.79 1.43 3.04
CA THR A 236 -5.55 1.30 2.30
C THR A 236 -4.87 2.66 2.22
N ASP A 237 -3.59 2.66 1.86
CA ASP A 237 -2.81 3.90 1.89
C ASP A 237 -3.36 4.95 0.93
N GLY A 238 -4.09 4.54 -0.11
CA GLY A 238 -4.69 5.51 -1.01
C GLY A 238 -5.67 6.44 -0.32
N VAL A 239 -6.17 6.05 0.85
CA VAL A 239 -7.05 6.91 1.63
C VAL A 239 -6.28 7.57 2.77
N TRP A 240 -5.74 6.77 3.67
CA TRP A 240 -5.15 7.36 4.87
C TRP A 240 -3.85 8.10 4.56
N GLY A 241 -3.14 7.69 3.51
CA GLY A 241 -1.93 8.42 3.11
C GLY A 241 -2.20 9.82 2.62
N GLU A 242 -3.44 10.14 2.26
CA GLU A 242 -3.76 11.50 1.86
C GLU A 242 -4.05 12.40 3.06
N LEU A 243 -4.36 11.82 4.21
CA LEU A 243 -4.59 12.61 5.42
C LEU A 243 -3.25 13.02 6.02
N LYS A 244 -3.30 13.77 7.12
CA LYS A 244 -2.06 14.14 7.82
C LYS A 244 -1.48 12.91 8.48
N THR A 245 -0.22 12.61 8.17
CA THR A 245 0.41 11.38 8.64
C THR A 245 1.44 11.70 9.71
N SER A 246 1.82 10.66 10.46
CA SER A 246 2.76 10.80 11.56
C SER A 246 3.66 9.58 11.60
N LEU A 247 4.96 9.81 11.63
CA LEU A 247 5.92 8.73 11.86
C LEU A 247 5.85 8.33 13.32
N ILE A 248 5.54 7.06 13.58
CA ILE A 248 5.42 6.57 14.95
C ILE A 248 6.76 6.09 15.48
N ALA A 249 7.48 5.28 14.70
CA ALA A 249 8.79 4.80 15.10
C ALA A 249 9.56 4.40 13.86
N GLN A 250 10.89 4.44 13.97
CA GLN A 250 11.77 4.00 12.89
C GLN A 250 13.03 3.41 13.50
N THR A 251 13.20 2.11 13.34
CA THR A 251 14.43 1.44 13.73
C THR A 251 15.34 1.34 12.50
N ASN A 252 16.39 0.52 12.59
CA ASN A 252 17.28 0.33 11.45
C ASN A 252 16.62 -0.47 10.34
N ASP A 253 15.61 -1.27 10.64
CA ASP A 253 14.97 -2.14 9.65
C ASP A 253 13.48 -1.89 9.47
N ARG A 254 12.86 -1.06 10.32
CA ARG A 254 11.41 -0.97 10.36
C ARG A 254 10.97 0.48 10.50
N ARG A 255 9.88 0.82 9.81
CA ARG A 255 9.25 2.14 9.88
C ARG A 255 7.77 1.94 10.16
N ASP A 256 7.28 2.55 11.24
CA ASP A 256 5.88 2.45 11.64
C ASP A 256 5.20 3.80 11.47
N ILE A 257 4.08 3.80 10.75
CA ILE A 257 3.44 5.04 10.30
C ILE A 257 1.95 4.96 10.60
N GLY A 258 1.37 6.10 10.97
CA GLY A 258 -0.07 6.20 11.11
C GLY A 258 -0.57 7.57 10.72
N VAL A 259 -1.84 7.86 11.01
CA VAL A 259 -2.37 9.20 10.80
C VAL A 259 -2.10 10.02 12.04
N ASP A 260 -1.95 11.32 11.86
CA ASP A 260 -1.85 12.25 12.98
C ASP A 260 -3.14 12.21 13.76
N LYS A 261 -3.06 11.77 15.02
CA LYS A 261 -4.27 11.51 15.80
C LYS A 261 -5.04 12.78 16.11
N GLU A 262 -4.34 13.92 16.21
CA GLU A 262 -5.03 15.19 16.43
C GLU A 262 -5.81 15.61 15.18
N TYR A 263 -5.26 15.33 14.00
CA TYR A 263 -5.98 15.65 12.77
C TYR A 263 -7.14 14.68 12.53
N PHE A 264 -6.98 13.41 12.92
CA PHE A 264 -8.01 12.43 12.64
C PHE A 264 -9.29 12.72 13.43
N LYS A 265 -9.17 13.25 14.65
CA LYS A 265 -10.36 13.56 15.43
C LYS A 265 -11.19 14.65 14.80
N THR A 266 -10.56 15.61 14.10
CA THR A 266 -11.29 16.70 13.48
C THR A 266 -12.14 16.25 12.30
N LEU A 267 -11.94 15.03 11.80
CA LEU A 267 -12.80 14.52 10.74
C LEU A 267 -14.19 14.20 11.28
N PHE A 268 -14.27 13.70 12.51
CA PHE A 268 -15.53 13.28 13.11
C PHE A 268 -16.25 14.41 13.81
N ASP A 269 -15.71 15.63 13.80
CA ASP A 269 -16.45 16.79 14.25
C ASP A 269 -17.77 16.95 13.49
N GLU A 270 -17.86 16.41 12.28
CA GLU A 270 -19.07 16.54 11.47
C GLU A 270 -20.18 15.61 11.92
N LEU A 271 -19.90 14.64 12.79
CA LEU A 271 -20.88 13.63 13.17
C LEU A 271 -21.30 13.73 14.64
N THR A 272 -20.90 14.79 15.35
CA THR A 272 -21.08 14.80 16.80
C THR A 272 -22.55 14.91 17.20
N ASP A 273 -23.41 15.47 16.35
CA ASP A 273 -24.83 15.59 16.69
C ASP A 273 -25.69 14.51 16.05
N ALA A 274 -25.07 13.54 15.38
CA ALA A 274 -25.81 12.45 14.77
C ALA A 274 -26.07 11.36 15.80
N PRO A 275 -27.32 11.04 16.12
CA PRO A 275 -27.57 10.00 17.14
C PRO A 275 -27.05 8.63 16.75
N TYR A 276 -27.04 8.28 15.46
CA TYR A 276 -26.66 6.94 15.05
C TYR A 276 -26.20 6.92 13.60
N PRO A 277 -25.06 7.56 13.28
CA PRO A 277 -24.67 7.68 11.87
C PRO A 277 -24.37 6.33 11.27
N SER A 278 -24.74 6.16 10.00
CA SER A 278 -24.43 4.92 9.31
C SER A 278 -22.93 4.85 9.05
N SER A 279 -22.46 3.60 8.88
CA SER A 279 -21.06 3.41 8.49
C SER A 279 -20.74 4.13 7.20
N PHE A 280 -21.72 4.24 6.29
CA PHE A 280 -21.51 4.95 5.04
C PHE A 280 -21.24 6.43 5.28
N ASP A 281 -22.02 7.06 6.16
CA ASP A 281 -21.79 8.45 6.52
C ASP A 281 -20.38 8.65 7.06
N ILE A 282 -19.93 7.73 7.92
CA ILE A 282 -18.58 7.81 8.47
C ILE A 282 -17.55 7.66 7.37
N ALA A 283 -17.73 6.65 6.51
CA ALA A 283 -16.77 6.40 5.43
C ALA A 283 -16.76 7.56 4.43
N ARG A 284 -17.92 8.16 4.18
CA ARG A 284 -17.98 9.25 3.21
C ARG A 284 -17.24 10.48 3.70
N ILE A 285 -17.35 10.80 4.99
CA ILE A 285 -16.64 11.97 5.52
C ILE A 285 -15.13 11.83 5.34
N ILE A 286 -14.60 10.62 5.60
CA ILE A 286 -13.15 10.43 5.51
C ILE A 286 -12.70 10.44 4.06
N THR A 287 -13.48 9.82 3.16
CA THR A 287 -13.12 9.82 1.75
C THR A 287 -13.12 11.23 1.17
N GLN A 288 -14.11 12.05 1.55
CA GLN A 288 -14.17 13.42 1.05
C GLN A 288 -12.93 14.23 1.46
N ARG A 289 -12.52 14.11 2.73
CA ARG A 289 -11.35 14.84 3.19
C ARG A 289 -10.08 14.35 2.50
N ALA A 290 -9.93 13.01 2.38
CA ALA A 290 -8.74 12.46 1.74
C ALA A 290 -8.65 12.87 0.27
N MET A 291 -9.77 12.85 -0.45
CA MET A 291 -9.73 13.21 -1.87
C MET A 291 -9.68 14.72 -2.07
N SER A 292 -10.19 15.52 -1.13
CA SER A 292 -9.99 16.96 -1.20
C SER A 292 -8.50 17.31 -1.14
N ARG A 293 -7.78 16.71 -0.19
CA ARG A 293 -6.35 16.95 -0.10
C ARG A 293 -5.61 16.41 -1.32
N SER A 294 -6.03 15.24 -1.83
CA SER A 294 -5.40 14.69 -3.02
C SER A 294 -5.62 15.58 -4.23
N LEU A 295 -6.81 16.17 -4.34
CA LEU A 295 -7.09 17.06 -5.47
C LEU A 295 -6.27 18.33 -5.38
N GLU A 296 -6.07 18.87 -4.17
CA GLU A 296 -5.20 20.03 -4.01
C GLU A 296 -3.76 19.69 -4.34
N ARG A 297 -3.30 18.50 -3.95
CA ARG A 297 -1.91 18.12 -4.18
C ARG A 297 -1.60 18.03 -5.67
N ARG A 298 -2.47 17.38 -6.44
CA ARG A 298 -2.19 17.21 -7.86
C ARG A 298 -2.24 18.54 -8.61
N LYS A 299 -3.10 19.47 -8.17
CA LYS A 299 -3.12 20.79 -8.80
C LYS A 299 -1.87 21.58 -8.47
N THR A 300 -1.40 21.48 -7.21
CA THR A 300 -0.16 22.14 -6.82
C THR A 300 1.03 21.59 -7.61
N LEU A 301 1.07 20.27 -7.80
CA LEU A 301 2.22 19.64 -8.47
C LEU A 301 2.38 20.16 -9.91
N ILE A 302 1.31 20.08 -10.71
CA ILE A 302 1.45 20.50 -12.11
C ILE A 302 1.65 22.00 -12.20
N LYS A 303 1.17 22.76 -11.21
CA LYS A 303 1.47 24.19 -11.17
C LYS A 303 2.95 24.43 -10.90
N LEU A 304 3.54 23.65 -9.98
CA LEU A 304 4.95 23.83 -9.66
C LEU A 304 5.83 23.45 -10.83
N ILE A 305 5.49 22.37 -11.55
CA ILE A 305 6.32 21.94 -12.67
C ILE A 305 6.31 23.00 -13.78
N ASN A 306 5.14 23.59 -14.05
CA ASN A 306 5.06 24.62 -15.08
C ASN A 306 5.81 25.88 -14.69
N GLU A 307 5.76 26.25 -13.42
CA GLU A 307 6.51 27.43 -12.97
C GLU A 307 8.01 27.19 -13.04
N ILE A 308 8.45 25.96 -12.78
CA ILE A 308 9.87 25.64 -12.91
C ILE A 308 10.30 25.71 -14.36
N GLU A 309 9.53 25.08 -15.26
CA GLU A 309 9.88 25.07 -16.67
C GLU A 309 9.85 26.46 -17.29
N GLN A 310 8.98 27.34 -16.77
CA GLN A 310 8.93 28.71 -17.28
C GLN A 310 10.25 29.44 -17.05
N GLN A 311 11.02 29.05 -16.03
CA GLN A 311 12.24 29.76 -15.69
C GLN A 311 13.42 29.41 -16.60
N HIS A 312 13.34 28.33 -17.37
CA HIS A 312 14.40 27.88 -18.26
C HIS A 312 15.74 27.83 -17.53
N PHE A 313 15.77 27.08 -16.43
CA PHE A 313 16.97 27.02 -15.60
C PHE A 313 18.15 26.46 -16.37
N HIS A 314 17.90 25.63 -17.38
CA HIS A 314 18.98 25.08 -18.20
C HIS A 314 19.77 26.18 -18.91
N GLU A 315 19.12 27.30 -19.22
CA GLU A 315 19.75 28.42 -19.90
C GLU A 315 20.25 29.49 -18.93
N LYS A 316 20.19 29.23 -17.62
CA LYS A 316 20.61 30.19 -16.61
C LYS A 316 21.69 29.63 -15.69
N SER A 317 22.32 28.51 -16.07
CA SER A 317 23.36 27.85 -15.28
C SER A 317 22.85 27.47 -13.88
N VAL A 318 21.56 27.20 -13.75
CA VAL A 318 20.97 26.70 -12.51
C VAL A 318 20.86 25.19 -12.65
N LYS A 319 21.72 24.45 -11.96
CA LYS A 319 21.79 23.00 -12.10
C LYS A 319 21.48 22.22 -10.83
N THR A 320 21.27 22.88 -9.69
CA THR A 320 20.98 22.18 -8.45
C THR A 320 19.69 22.70 -7.84
N ILE A 321 19.11 21.88 -6.97
CA ILE A 321 17.88 22.27 -6.27
C ILE A 321 18.11 23.49 -5.40
N ASN A 322 19.25 23.52 -4.69
CA ASN A 322 19.56 24.67 -3.85
C ASN A 322 19.64 25.96 -4.68
N GLU A 323 20.22 25.87 -5.89
CA GLU A 323 20.23 27.03 -6.77
C GLU A 323 18.82 27.38 -7.24
N VAL A 324 17.95 26.38 -7.42
CA VAL A 324 16.56 26.65 -7.76
C VAL A 324 15.87 27.39 -6.63
N LEU A 325 16.01 26.90 -5.40
CA LEU A 325 15.34 27.53 -4.26
C LEU A 325 15.83 28.95 -4.05
N GLU A 326 17.14 29.19 -4.24
CA GLU A 326 17.66 30.54 -4.05
C GLU A 326 17.17 31.49 -5.14
N TYR A 327 17.05 30.99 -6.37
CA TYR A 327 16.49 31.79 -7.45
C TYR A 327 15.08 32.25 -7.12
N PHE A 328 14.23 31.33 -6.63
CA PHE A 328 12.86 31.67 -6.31
C PHE A 328 12.76 32.60 -5.10
N ILE A 329 13.65 32.43 -4.13
CA ILE A 329 13.63 33.29 -2.95
C ILE A 329 14.10 34.70 -3.32
N LYS A 330 15.09 34.80 -4.21
CA LYS A 330 15.62 36.11 -4.56
C LYS A 330 14.71 36.91 -5.47
N THR A 331 13.85 36.25 -6.25
CA THR A 331 12.93 36.93 -7.15
C THR A 331 11.57 37.18 -6.53
N GLY A 332 11.43 37.00 -5.21
CA GLY A 332 10.19 37.25 -4.52
C GLY A 332 9.20 36.11 -4.50
N HIS A 333 9.48 35.03 -5.23
CA HIS A 333 8.58 33.87 -5.27
C HIS A 333 8.97 32.83 -4.21
N VAL A 334 9.03 33.31 -2.97
CA VAL A 334 9.42 32.46 -1.85
C VAL A 334 8.39 31.37 -1.61
N GLU A 335 7.11 31.64 -1.89
CA GLU A 335 6.08 30.62 -1.72
C GLU A 335 6.34 29.41 -2.62
N THR A 336 6.75 29.67 -3.86
CA THR A 336 7.08 28.56 -4.76
C THR A 336 8.27 27.77 -4.22
N ALA A 337 9.26 28.46 -3.65
CA ALA A 337 10.39 27.78 -3.05
C ALA A 337 9.95 26.90 -1.88
N GLN A 338 9.13 27.44 -0.97
CA GLN A 338 8.67 26.65 0.16
C GLN A 338 7.84 25.45 -0.29
N THR A 339 7.05 25.61 -1.36
CA THR A 339 6.28 24.49 -1.87
C THR A 339 7.20 23.39 -2.40
N LEU A 340 8.26 23.76 -3.11
CA LEU A 340 9.19 22.75 -3.62
C LEU A 340 9.90 22.05 -2.47
N LYS A 341 10.32 22.79 -1.44
CA LYS A 341 10.96 22.17 -0.28
C LYS A 341 10.04 21.15 0.37
N ALA A 342 8.77 21.50 0.55
CA ALA A 342 7.82 20.58 1.17
C ALA A 342 7.69 19.30 0.36
N ILE A 343 7.65 19.42 -0.96
CA ILE A 343 7.49 18.24 -1.82
C ILE A 343 8.74 17.37 -1.74
N LEU A 344 9.92 17.97 -1.77
CA LEU A 344 11.15 17.18 -1.84
C LEU A 344 11.58 16.69 -0.47
N PHE A 345 11.57 17.57 0.54
CA PHE A 345 12.18 17.26 1.82
C PHE A 345 11.20 16.84 2.90
N GLU A 346 9.90 17.07 2.70
CA GLU A 346 8.89 16.64 3.66
C GLU A 346 7.89 15.67 3.04
N ASP A 347 8.14 15.21 1.81
CA ASP A 347 7.25 14.32 1.07
C ASP A 347 5.83 14.85 1.07
N GLY A 348 5.69 16.08 0.55
CA GLY A 348 4.40 16.75 0.56
C GLY A 348 3.32 16.03 -0.23
N LEU A 349 3.69 15.21 -1.20
CA LEU A 349 2.73 14.49 -2.02
C LEU A 349 2.37 13.12 -1.46
N SER A 350 2.95 12.73 -0.32
CA SER A 350 2.72 11.41 0.29
C SER A 350 3.01 10.29 -0.71
N ASP A 351 4.14 10.41 -1.40
CA ASP A 351 4.59 9.38 -2.33
C ASP A 351 5.64 8.46 -1.74
N GLY A 352 6.09 8.72 -0.51
CA GLY A 352 7.13 7.92 0.09
C GLY A 352 8.53 8.24 -0.40
N ILE A 353 8.71 9.40 -1.03
CA ILE A 353 10.00 9.84 -1.55
C ILE A 353 10.44 11.04 -0.74
N THR A 354 11.62 10.95 -0.12
CA THR A 354 12.16 12.04 0.69
C THR A 354 13.60 12.27 0.29
N TYR A 355 13.91 13.48 -0.17
CA TYR A 355 15.27 13.88 -0.47
C TYR A 355 15.96 14.38 0.80
N PHE A 356 17.28 14.30 0.81
CA PHE A 356 18.06 14.72 1.97
C PHE A 356 18.42 16.20 1.87
N GLU A 357 18.48 16.86 3.02
CA GLU A 357 18.62 18.30 3.09
C GLU A 357 20.07 18.79 3.11
N ASN A 358 21.02 17.94 3.48
CA ASN A 358 22.40 18.39 3.61
C ASN A 358 23.27 17.82 2.49
N ILE A 359 22.80 17.94 1.24
CA ILE A 359 23.50 17.46 0.06
C ILE A 359 23.13 18.34 -1.11
N GLU A 360 23.87 18.21 -2.20
CA GLU A 360 23.60 18.95 -3.43
C GLU A 360 22.89 18.02 -4.40
N ILE A 361 21.69 18.43 -4.81
CA ILE A 361 20.78 17.58 -5.58
C ILE A 361 20.67 18.14 -6.99
N PRO A 362 20.97 17.37 -8.04
CA PRO A 362 20.85 17.88 -9.40
C PRO A 362 19.39 18.12 -9.77
N LEU A 363 19.15 19.24 -10.47
CA LEU A 363 17.80 19.59 -10.88
C LEU A 363 17.22 18.55 -11.84
N GLU A 364 18.06 18.01 -12.72
CA GLU A 364 17.56 17.05 -13.71
C GLU A 364 17.06 15.77 -13.06
N MET A 365 17.71 15.34 -11.98
CA MET A 365 17.22 14.18 -11.24
C MET A 365 15.84 14.45 -10.67
N VAL A 366 15.62 15.65 -10.12
CA VAL A 366 14.32 15.97 -9.55
C VAL A 366 13.27 16.15 -10.63
N MET A 367 13.64 16.81 -11.73
CA MET A 367 12.67 16.99 -12.82
C MET A 367 12.26 15.66 -13.43
N HIS A 368 13.23 14.76 -13.67
CA HIS A 368 12.89 13.43 -14.15
C HIS A 368 11.96 12.73 -13.18
N ASP A 369 12.20 12.89 -11.88
CA ASP A 369 11.31 12.35 -10.86
C ASP A 369 9.93 13.01 -10.96
N LEU A 370 9.87 14.34 -10.84
CA LEU A 370 8.59 15.03 -10.72
C LEU A 370 7.71 14.80 -11.94
N LYS A 371 8.27 14.93 -13.15
CA LYS A 371 7.47 14.75 -14.36
C LYS A 371 7.03 13.31 -14.56
N SER A 372 7.70 12.35 -13.94
CA SER A 372 7.32 10.95 -14.07
C SER A 372 6.25 10.52 -13.07
N ARG A 373 6.00 11.32 -12.03
CA ARG A 373 5.14 10.88 -10.95
C ARG A 373 3.69 10.83 -11.39
N CYS A 374 3.03 9.73 -11.07
CA CYS A 374 1.58 9.71 -11.02
C CYS A 374 1.11 10.27 -9.68
N VAL A 375 -0.17 10.58 -9.61
CA VAL A 375 -0.78 11.00 -8.35
C VAL A 375 -1.92 10.05 -8.04
N GLY A 376 -2.25 9.95 -6.76
CA GLY A 376 -3.35 9.11 -6.33
C GLY A 376 -3.00 7.63 -6.34
N ASP A 377 -4.04 6.82 -6.20
CA ASP A 377 -3.87 5.39 -5.98
C ASP A 377 -5.27 4.77 -5.91
N CYS A 378 -5.31 3.44 -5.98
CA CYS A 378 -6.46 2.71 -5.48
C CYS A 378 -6.72 3.13 -4.03
N SER A 379 -7.98 3.43 -3.73
CA SER A 379 -8.34 4.02 -2.45
C SER A 379 -9.56 3.31 -1.91
N THR A 380 -9.42 2.66 -0.75
CA THR A 380 -10.50 1.86 -0.18
C THR A 380 -10.57 2.06 1.33
N ILE A 381 -11.79 2.08 1.85
CA ILE A 381 -12.04 2.20 3.28
C ILE A 381 -13.26 1.37 3.61
N ASN A 382 -13.19 0.63 4.72
CA ASN A 382 -14.38 0.01 5.28
C ASN A 382 -14.56 0.50 6.71
N VAL A 383 -15.82 0.65 7.10
CA VAL A 383 -16.21 1.14 8.42
C VAL A 383 -17.16 0.12 9.03
N THR A 384 -16.87 -0.31 10.25
CA THR A 384 -17.66 -1.31 10.95
C THR A 384 -18.05 -0.76 12.33
N ARG A 385 -19.33 -0.89 12.69
CA ARG A 385 -19.79 -0.63 14.04
C ARG A 385 -20.03 -1.95 14.77
N ILE A 386 -19.46 -2.07 15.97
CA ILE A 386 -19.67 -3.24 16.83
C ILE A 386 -21.11 -3.19 17.33
N PRO A 387 -21.93 -4.18 17.03
CA PRO A 387 -23.37 -4.06 17.31
C PRO A 387 -23.69 -4.10 18.80
N TYR A 388 -24.84 -3.54 19.13
CA TYR A 388 -25.40 -3.63 20.47
C TYR A 388 -26.08 -4.98 20.65
N HIS A 389 -25.87 -5.61 21.81
CA HIS A 389 -26.41 -6.94 22.03
C HIS A 389 -27.94 -6.94 21.99
N LEU A 390 -28.57 -5.98 22.66
CA LEU A 390 -30.03 -5.96 22.68
C LEU A 390 -30.60 -5.69 21.29
N ASP A 391 -30.02 -4.74 20.55
CA ASP A 391 -30.50 -4.45 19.20
C ASP A 391 -30.49 -5.69 18.32
N GLU A 392 -29.42 -6.49 18.42
CA GLU A 392 -29.32 -7.67 17.56
C GLU A 392 -30.30 -8.75 17.98
N LEU A 393 -30.58 -8.87 19.27
CA LEU A 393 -31.63 -9.79 19.71
C LEU A 393 -32.98 -9.37 19.15
N ILE A 394 -33.26 -8.07 19.13
CA ILE A 394 -34.51 -7.58 18.56
C ILE A 394 -34.55 -7.83 17.05
N ARG A 395 -33.42 -7.62 16.37
CA ARG A 395 -33.37 -7.86 14.93
C ARG A 395 -33.72 -9.30 14.60
N GLY A 396 -33.15 -10.25 15.35
CA GLY A 396 -33.48 -11.65 15.12
C GLY A 396 -34.91 -11.97 15.48
N PHE A 397 -35.43 -11.34 16.54
CA PHE A 397 -36.82 -11.54 16.95
C PHE A 397 -37.78 -11.08 15.85
N ILE A 398 -37.42 -10.01 15.15
CA ILE A 398 -38.26 -9.51 14.06
C ILE A 398 -38.06 -10.35 12.80
N ASN A 399 -36.81 -10.71 12.49
CA ASN A 399 -36.52 -11.40 11.23
C ASN A 399 -36.90 -12.87 11.26
N TYR A 400 -36.93 -13.49 12.44
CA TYR A 400 -37.22 -14.92 12.58
C TYR A 400 -38.38 -15.13 13.55
N PRO A 401 -39.59 -14.74 13.15
CA PRO A 401 -40.75 -14.95 14.05
C PRO A 401 -41.01 -16.41 14.37
N GLU A 402 -40.56 -17.34 13.53
CA GLU A 402 -40.72 -18.77 13.80
C GLU A 402 -39.94 -19.22 15.02
N LYS A 403 -38.94 -18.44 15.45
CA LYS A 403 -38.11 -18.78 16.61
C LYS A 403 -38.50 -17.97 17.85
N HIS A 404 -39.71 -17.42 17.89
CA HIS A 404 -40.07 -16.55 19.00
C HIS A 404 -40.04 -17.28 20.34
N GLN A 405 -40.33 -18.58 20.34
CA GLN A 405 -40.32 -19.35 21.59
C GLN A 405 -38.90 -19.51 22.11
N ILE A 406 -37.90 -19.52 21.23
CA ILE A 406 -36.52 -19.61 21.68
C ILE A 406 -35.98 -18.23 22.05
N LEU A 407 -36.42 -17.17 21.36
CA LEU A 407 -35.80 -15.86 21.51
C LEU A 407 -36.41 -15.04 22.63
N ALA A 408 -37.73 -15.06 22.77
CA ALA A 408 -38.39 -14.29 23.84
C ALA A 408 -37.80 -14.53 25.23
N PRO A 409 -37.50 -15.77 25.65
CA PRO A 409 -36.90 -15.94 26.98
C PRO A 409 -35.55 -15.26 27.14
N LEU A 410 -34.84 -14.96 26.05
CA LEU A 410 -33.54 -14.32 26.15
C LEU A 410 -33.65 -12.85 26.53
N PHE A 411 -34.83 -12.25 26.40
CA PHE A 411 -34.98 -10.83 26.77
C PHE A 411 -34.87 -10.62 28.26
N LYS A 412 -35.22 -11.63 29.06
CA LYS A 412 -35.13 -11.52 30.52
C LYS A 412 -33.70 -11.37 31.01
N ALA A 413 -32.71 -11.54 30.13
CA ALA A 413 -31.31 -11.38 30.51
C ALA A 413 -30.60 -10.30 29.71
N ARG A 414 -31.26 -9.68 28.73
CA ARG A 414 -30.66 -8.62 27.94
C ARG A 414 -31.27 -7.24 28.19
N VAL A 415 -32.38 -7.17 28.92
CA VAL A 415 -33.09 -5.91 29.14
C VAL A 415 -32.92 -5.50 30.59
N LYS A 416 -32.19 -4.40 30.82
CA LYS A 416 -32.05 -3.90 32.17
C LYS A 416 -33.24 -3.05 32.60
N SER A 417 -33.92 -2.42 31.64
CA SER A 417 -35.01 -1.50 31.94
C SER A 417 -35.79 -1.25 30.66
N GLU A 418 -37.02 -0.74 30.84
CA GLU A 418 -37.80 -0.31 29.69
C GLU A 418 -37.10 0.84 28.96
N ALA A 419 -36.32 1.65 29.67
CA ALA A 419 -35.57 2.72 29.02
C ALA A 419 -34.48 2.16 28.10
N ASP A 420 -33.84 1.07 28.51
CA ASP A 420 -32.84 0.43 27.64
C ASP A 420 -33.51 -0.14 26.40
N LEU A 421 -34.68 -0.73 26.56
CA LEU A 421 -35.47 -1.19 25.41
C LEU A 421 -35.78 -0.04 24.46
N GLU A 422 -36.29 1.08 25.00
CA GLU A 422 -36.62 2.21 24.17
C GLU A 422 -35.40 2.71 23.40
N GLU A 423 -34.25 2.80 24.06
CA GLU A 423 -33.03 3.20 23.38
C GLU A 423 -32.70 2.24 22.24
N ALA A 424 -32.88 0.94 22.46
CA ALA A 424 -32.59 -0.02 21.40
C ALA A 424 -33.52 0.17 20.21
N PHE A 425 -34.80 0.42 20.47
CA PHE A 425 -35.72 0.63 19.35
C PHE A 425 -35.45 1.95 18.64
N HIS A 426 -34.93 2.95 19.34
CA HIS A 426 -34.59 4.21 18.70
C HIS A 426 -33.45 4.03 17.70
N ARG A 427 -32.41 3.29 18.09
CA ARG A 427 -31.31 2.99 17.17
C ARG A 427 -31.81 2.22 15.95
N LEU A 428 -32.68 1.23 16.16
CA LEU A 428 -33.19 0.45 15.03
C LEU A 428 -34.00 1.32 14.08
N SER A 429 -34.76 2.29 14.61
CA SER A 429 -35.56 3.15 13.76
C SER A 429 -34.69 4.06 12.90
N LEU A 430 -33.44 4.28 13.29
CA LEU A 430 -32.52 5.12 12.52
C LEU A 430 -31.71 4.34 11.50
N GLU A 431 -31.80 3.01 11.49
CA GLU A 431 -30.94 2.23 10.61
C GLU A 431 -31.36 2.41 9.15
N MET A 432 -30.37 2.52 8.27
CA MET A 432 -30.56 2.70 6.85
C MET A 432 -29.84 1.58 6.10
N VAL A 433 -30.42 1.15 4.98
CA VAL A 433 -29.86 0.09 4.15
C VAL A 433 -29.87 0.54 2.70
N GLN A 434 -28.97 -0.05 1.91
CA GLN A 434 -28.92 0.19 0.47
C GLN A 434 -29.37 -1.07 -0.24
N PRO A 435 -30.62 -1.15 -0.70
CA PRO A 435 -31.11 -2.40 -1.30
C PRO A 435 -30.29 -2.86 -2.49
N GLU A 436 -29.72 -1.93 -3.27
CA GLU A 436 -28.88 -2.34 -4.39
C GLU A 436 -27.55 -2.93 -3.94
N ILE A 437 -27.17 -2.71 -2.67
CA ILE A 437 -25.93 -3.20 -2.06
C ILE A 437 -24.72 -2.46 -2.62
N GLU A 438 -24.56 -2.44 -3.94
CA GLU A 438 -23.44 -1.75 -4.57
C GLU A 438 -23.97 -0.78 -5.63
N SER A 439 -23.26 0.34 -5.80
CA SER A 439 -23.60 1.32 -6.81
C SER A 439 -22.46 2.33 -6.92
N PRO A 440 -22.36 3.05 -8.04
CA PRO A 440 -21.51 4.25 -8.06
C PRO A 440 -21.91 5.17 -6.92
N ILE A 441 -20.94 5.94 -6.41
CA ILE A 441 -21.17 6.64 -5.16
C ILE A 441 -22.22 7.73 -5.31
N SER A 442 -22.34 8.34 -6.49
CA SER A 442 -23.38 9.34 -6.70
C SER A 442 -24.75 8.73 -7.00
N GLU A 443 -24.87 7.41 -6.95
CA GLU A 443 -26.14 6.74 -7.21
C GLU A 443 -26.57 5.85 -6.04
N THR A 444 -26.01 6.08 -4.86
CA THR A 444 -26.36 5.29 -3.68
C THR A 444 -27.72 5.70 -3.16
N HIS A 445 -28.66 4.76 -3.11
CA HIS A 445 -30.02 5.02 -2.65
C HIS A 445 -30.23 4.24 -1.35
N PHE A 446 -30.63 4.96 -0.30
CA PHE A 446 -30.84 4.36 1.01
C PHE A 446 -32.31 4.42 1.39
N GLU A 447 -32.75 3.42 2.14
CA GLU A 447 -34.08 3.41 2.73
C GLU A 447 -33.96 2.87 4.15
N ARG A 448 -35.01 3.09 4.94
CA ARG A 448 -35.03 2.61 6.31
C ARG A 448 -34.90 1.09 6.34
N ALA A 449 -34.13 0.59 7.32
CA ALA A 449 -34.03 -0.85 7.49
C ALA A 449 -35.36 -1.46 7.95
N PHE A 450 -36.13 -0.72 8.75
CA PHE A 450 -37.39 -1.23 9.29
C PHE A 450 -38.50 -0.20 9.06
N LYS A 451 -39.71 -0.71 8.85
CA LYS A 451 -40.90 0.15 8.92
C LYS A 451 -41.20 0.51 10.36
N LYS A 452 -41.68 1.74 10.59
CA LYS A 452 -41.98 2.16 11.95
C LYS A 452 -43.10 1.32 12.55
N GLU A 453 -44.07 0.91 11.74
CA GLU A 453 -45.15 0.07 12.24
C GLU A 453 -44.63 -1.26 12.76
N THR A 454 -43.60 -1.80 12.10
CA THR A 454 -42.99 -3.04 12.57
C THR A 454 -42.35 -2.86 13.94
N LEU A 455 -41.55 -1.81 14.10
CA LEU A 455 -40.86 -1.59 15.37
C LEU A 455 -41.83 -1.26 16.49
N ASP A 456 -42.85 -0.45 16.18
CA ASP A 456 -43.84 -0.09 17.19
C ASP A 456 -44.64 -1.29 17.66
N LYS A 457 -45.05 -2.15 16.73
CA LYS A 457 -45.75 -3.38 17.12
C LYS A 457 -44.84 -4.29 17.94
N THR A 458 -43.57 -4.39 17.55
CA THR A 458 -42.65 -5.25 18.29
C THR A 458 -42.38 -4.69 19.67
N GLN A 459 -42.23 -3.37 19.79
CA GLN A 459 -41.93 -2.75 21.07
C GLN A 459 -43.12 -2.87 22.02
N ALA A 460 -44.34 -2.78 21.50
CA ALA A 460 -45.52 -2.95 22.35
C ALA A 460 -45.62 -4.38 22.85
N VAL A 461 -45.25 -5.35 22.01
CA VAL A 461 -45.30 -6.76 22.43
C VAL A 461 -44.31 -7.01 23.55
N LEU A 462 -43.07 -6.53 23.38
CA LEU A 462 -42.03 -6.78 24.39
C LEU A 462 -42.34 -6.04 25.69
N THR A 463 -42.84 -4.81 25.61
CA THR A 463 -43.23 -4.09 26.82
C THR A 463 -44.33 -4.83 27.56
N HIS A 464 -45.25 -5.45 26.82
CA HIS A 464 -46.31 -6.24 27.46
C HIS A 464 -45.74 -7.50 28.09
N TYR A 465 -44.91 -8.25 27.34
CA TYR A 465 -44.29 -9.45 27.86
C TYR A 465 -43.42 -9.16 29.08
N PHE A 466 -42.97 -7.91 29.25
CA PHE A 466 -42.13 -7.53 30.37
C PHE A 466 -42.95 -7.34 31.65
N MET B 3 -1.14 -12.56 -26.51
CA MET B 3 0.12 -12.86 -27.19
C MET B 3 1.31 -12.29 -26.43
N PRO B 4 2.17 -13.16 -25.91
CA PRO B 4 3.29 -12.69 -25.08
C PRO B 4 4.47 -12.23 -25.92
N GLU B 5 5.18 -11.24 -25.38
CA GLU B 5 6.42 -10.76 -25.96
C GLU B 5 7.66 -11.32 -25.26
N TYR B 6 7.51 -11.98 -24.12
CA TYR B 6 8.62 -12.62 -23.44
C TYR B 6 8.07 -13.70 -22.52
N ASP B 7 8.96 -14.61 -22.11
CA ASP B 7 8.59 -15.69 -21.20
C ASP B 7 9.00 -15.42 -19.76
N TYR B 8 10.05 -14.63 -19.53
CA TYR B 8 10.50 -14.27 -18.19
C TYR B 8 10.89 -12.79 -18.18
N LEU B 9 10.61 -12.13 -17.06
CA LEU B 9 11.06 -10.77 -16.81
C LEU B 9 11.93 -10.79 -15.56
N PHE B 10 13.23 -10.55 -15.74
CA PHE B 10 14.18 -10.54 -14.63
C PHE B 10 14.66 -9.12 -14.39
N LYS B 11 14.68 -8.71 -13.12
CA LYS B 11 15.18 -7.40 -12.72
C LYS B 11 16.57 -7.56 -12.12
N LEU B 12 17.57 -6.95 -12.77
CA LEU B 12 18.94 -7.04 -12.34
C LEU B 12 19.39 -5.70 -11.77
N LEU B 13 20.25 -5.75 -10.74
CA LEU B 13 20.78 -4.57 -10.09
C LEU B 13 22.29 -4.60 -10.18
N LEU B 14 22.89 -3.49 -10.61
CA LEU B 14 24.33 -3.29 -10.55
C LEU B 14 24.65 -2.40 -9.35
N ILE B 15 25.52 -2.87 -8.48
CA ILE B 15 25.94 -2.11 -7.31
C ILE B 15 27.45 -2.18 -7.18
N GLY B 16 28.00 -1.20 -6.48
CA GLY B 16 29.43 -1.04 -6.36
C GLY B 16 29.80 0.43 -6.27
N ASP B 17 31.07 0.68 -5.96
CA ASP B 17 31.55 2.05 -5.84
C ASP B 17 31.38 2.80 -7.15
N SER B 18 31.21 4.12 -7.04
CA SER B 18 31.13 4.97 -8.22
C SER B 18 32.44 4.88 -9.01
N GLY B 19 32.31 4.79 -10.33
CA GLY B 19 33.45 4.83 -11.21
C GLY B 19 34.04 3.48 -11.60
N VAL B 20 33.52 2.37 -11.06
CA VAL B 20 34.07 1.07 -11.41
C VAL B 20 33.67 0.61 -12.80
N GLY B 21 32.68 1.26 -13.40
CA GLY B 21 32.29 0.94 -14.77
C GLY B 21 30.93 0.30 -14.89
N LYS B 22 30.02 0.58 -13.95
CA LYS B 22 28.71 -0.07 -13.98
C LYS B 22 27.87 0.40 -15.16
N SER B 23 27.88 1.71 -15.43
CA SER B 23 27.16 2.24 -16.58
C SER B 23 27.74 1.72 -17.89
N CYS B 24 29.07 1.63 -17.98
CA CYS B 24 29.71 1.13 -19.19
C CYS B 24 29.38 -0.34 -19.41
N LEU B 25 29.33 -1.14 -18.34
CA LEU B 25 28.90 -2.53 -18.49
C LEU B 25 27.46 -2.60 -18.97
N LEU B 26 26.60 -1.71 -18.47
CA LEU B 26 25.22 -1.64 -18.91
C LEU B 26 25.15 -1.23 -20.38
N LEU B 27 25.91 -0.21 -20.77
CA LEU B 27 25.89 0.28 -22.13
C LEU B 27 26.48 -0.73 -23.12
N ARG B 28 27.51 -1.47 -22.69
CA ARG B 28 28.10 -2.48 -23.57
C ARG B 28 27.15 -3.65 -23.79
N PHE B 29 26.43 -4.06 -22.73
CA PHE B 29 25.57 -5.22 -22.85
C PHE B 29 24.31 -4.93 -23.64
N ALA B 30 23.72 -3.75 -23.45
CA ALA B 30 22.46 -3.41 -24.11
C ALA B 30 22.67 -2.77 -25.48
N ASP B 31 23.54 -1.76 -25.55
CA ASP B 31 23.72 -0.97 -26.76
C ASP B 31 25.03 -1.25 -27.49
N ASP B 32 25.92 -2.04 -26.92
CA ASP B 32 27.22 -2.34 -27.51
C ASP B 32 28.00 -1.05 -27.82
N THR B 33 28.03 -0.15 -26.85
CA THR B 33 28.72 1.13 -26.99
C THR B 33 29.65 1.34 -25.80
N TYR B 34 30.60 2.26 -25.99
CA TYR B 34 31.57 2.57 -24.94
C TYR B 34 32.22 3.91 -25.25
N THR B 35 32.47 4.69 -24.21
CA THR B 35 33.21 5.95 -24.33
C THR B 35 33.76 6.38 -22.98
N VAL B 44 22.82 7.29 -17.60
CA VAL B 44 23.01 6.03 -18.29
C VAL B 44 22.96 4.87 -17.30
N ASP B 45 21.95 4.90 -16.41
CA ASP B 45 21.87 3.96 -15.30
C ASP B 45 20.68 3.02 -15.42
N PHE B 46 20.10 2.88 -16.61
CA PHE B 46 19.06 1.88 -16.82
C PHE B 46 19.00 1.49 -18.29
N LYS B 47 18.90 0.19 -18.55
CA LYS B 47 18.79 -0.32 -19.92
C LYS B 47 17.98 -1.61 -19.90
N ILE B 48 17.42 -1.95 -21.05
CA ILE B 48 16.63 -3.16 -21.25
C ILE B 48 17.27 -3.98 -22.36
N ARG B 49 17.27 -5.30 -22.20
CA ARG B 49 17.64 -6.19 -23.29
C ARG B 49 16.99 -7.55 -23.08
N THR B 50 16.40 -8.09 -24.15
CA THR B 50 15.78 -9.40 -24.13
C THR B 50 16.72 -10.41 -24.77
N ILE B 51 16.95 -11.52 -24.08
CA ILE B 51 17.83 -12.58 -24.57
C ILE B 51 17.03 -13.87 -24.63
N GLU B 52 17.63 -14.88 -25.28
CA GLU B 52 17.08 -16.22 -25.33
C GLU B 52 18.00 -17.18 -24.61
N LEU B 53 17.41 -18.19 -23.98
CA LEU B 53 18.18 -19.08 -23.11
C LEU B 53 17.36 -20.35 -22.90
N ASP B 54 17.85 -21.47 -23.42
CA ASP B 54 17.16 -22.75 -23.31
C ASP B 54 15.74 -22.66 -23.88
N GLY B 55 15.63 -22.03 -25.04
CA GLY B 55 14.36 -21.90 -25.73
C GLY B 55 13.47 -20.81 -25.18
N LYS B 56 13.71 -20.39 -23.94
CA LYS B 56 12.91 -19.37 -23.30
C LYS B 56 13.46 -17.99 -23.63
N THR B 57 12.57 -17.03 -23.81
CA THR B 57 12.94 -15.65 -24.10
C THR B 57 12.84 -14.84 -22.81
N ILE B 58 13.98 -14.30 -22.36
CA ILE B 58 14.08 -13.66 -21.06
C ILE B 58 14.33 -12.17 -21.25
N LYS B 59 13.40 -11.35 -20.76
CA LYS B 59 13.55 -9.90 -20.77
C LYS B 59 14.26 -9.45 -19.49
N LEU B 60 15.33 -8.69 -19.65
CA LEU B 60 16.15 -8.21 -18.54
C LEU B 60 15.97 -6.72 -18.38
N GLN B 61 15.57 -6.29 -17.17
CA GLN B 61 15.56 -4.88 -16.79
C GLN B 61 16.71 -4.68 -15.82
N ILE B 62 17.73 -3.94 -16.26
CA ILE B 62 18.97 -3.79 -15.52
C ILE B 62 19.10 -2.35 -15.03
N TRP B 63 19.38 -2.20 -13.74
CA TRP B 63 19.48 -0.90 -13.09
C TRP B 63 20.87 -0.73 -12.52
N ASP B 64 21.48 0.40 -12.81
CA ASP B 64 22.65 0.88 -12.07
C ASP B 64 22.11 1.75 -10.94
N THR B 65 22.27 1.29 -9.69
CA THR B 65 21.81 2.06 -8.55
C THR B 65 22.42 3.45 -8.55
N ALA B 66 23.69 3.57 -8.95
CA ALA B 66 24.35 4.86 -9.19
C ALA B 66 24.38 5.72 -7.93
N GLY B 67 24.41 5.10 -6.76
CA GLY B 67 24.49 5.86 -5.52
C GLY B 67 23.36 6.85 -5.31
N GLN B 68 22.19 6.60 -5.90
CA GLN B 68 21.06 7.49 -5.68
C GLN B 68 20.55 7.42 -4.25
N GLU B 69 20.92 6.36 -3.51
CA GLU B 69 20.64 6.31 -2.08
C GLU B 69 21.24 7.50 -1.34
N ARG B 70 22.30 8.11 -1.89
CA ARG B 70 22.91 9.26 -1.26
C ARG B 70 22.09 10.54 -1.44
N PHE B 71 21.05 10.52 -2.26
CA PHE B 71 20.24 11.70 -2.55
C PHE B 71 18.84 11.64 -2.00
N ARG B 72 18.23 10.46 -1.93
CA ARG B 72 16.83 10.33 -1.54
CA ARG B 72 16.85 10.35 -1.50
C ARG B 72 16.58 8.93 -1.04
N THR B 73 15.51 8.79 -0.25
CA THR B 73 14.98 7.50 0.12
C THR B 73 13.61 7.37 -0.53
N ILE B 74 13.28 6.16 -0.98
CA ILE B 74 12.05 5.93 -1.71
C ILE B 74 11.27 4.78 -1.07
N THR B 75 9.98 4.76 -1.35
CA THR B 75 9.10 3.68 -0.89
C THR B 75 8.48 3.04 -2.12
N SER B 76 8.93 1.84 -2.46
CA SER B 76 8.39 1.14 -3.62
C SER B 76 7.11 0.42 -3.21
N THR B 77 6.33 0.01 -4.20
CA THR B 77 5.06 -0.62 -3.90
C THR B 77 5.24 -2.13 -3.70
N TYR B 78 6.23 -2.71 -4.37
CA TYR B 78 6.52 -4.14 -4.25
C TYR B 78 7.32 -4.44 -2.98
N TYR B 79 7.02 -5.56 -2.34
CA TYR B 79 7.94 -6.08 -1.34
C TYR B 79 9.06 -6.88 -2.00
N ARG B 80 8.78 -7.49 -3.15
CA ARG B 80 9.80 -8.21 -3.91
C ARG B 80 10.90 -7.26 -4.35
N GLY B 81 12.13 -7.79 -4.39
CA GLY B 81 13.27 -7.08 -4.90
C GLY B 81 13.72 -7.59 -6.25
N ALA B 82 14.94 -7.19 -6.62
CA ALA B 82 15.52 -7.65 -7.88
C ALA B 82 15.73 -9.16 -7.86
N HIS B 83 15.73 -9.77 -9.03
CA HIS B 83 16.01 -11.19 -9.13
C HIS B 83 17.49 -11.49 -8.93
N GLY B 84 18.36 -10.56 -9.32
CA GLY B 84 19.79 -10.79 -9.25
C GLY B 84 20.54 -9.49 -9.08
N ILE B 85 21.67 -9.56 -8.38
CA ILE B 85 22.49 -8.41 -8.08
C ILE B 85 23.92 -8.70 -8.51
N ILE B 86 24.50 -7.82 -9.31
CA ILE B 86 25.88 -7.93 -9.74
C ILE B 86 26.70 -6.88 -9.01
N VAL B 87 27.64 -7.33 -8.19
CA VAL B 87 28.53 -6.45 -7.45
C VAL B 87 29.79 -6.24 -8.29
N VAL B 88 30.06 -4.99 -8.64
CA VAL B 88 31.18 -4.63 -9.49
C VAL B 88 32.26 -3.96 -8.67
N TYR B 89 33.51 -4.32 -8.92
CA TYR B 89 34.65 -3.55 -8.43
C TYR B 89 35.59 -3.28 -9.61
N ASP B 90 36.60 -2.48 -9.34
CA ASP B 90 37.60 -2.05 -10.32
C ASP B 90 38.91 -2.76 -9.99
N VAL B 91 39.40 -3.57 -10.91
CA VAL B 91 40.62 -4.34 -10.65
C VAL B 91 41.85 -3.46 -10.49
N THR B 92 41.77 -2.19 -10.87
CA THR B 92 42.86 -1.24 -10.66
C THR B 92 42.70 -0.43 -9.38
N ASP B 93 41.61 -0.63 -8.63
CA ASP B 93 41.34 0.14 -7.42
C ASP B 93 41.07 -0.83 -6.28
N GLN B 94 42.10 -1.03 -5.44
CA GLN B 94 41.96 -1.91 -4.28
C GLN B 94 40.85 -1.42 -3.34
N GLU B 95 40.66 -0.10 -3.25
CA GLU B 95 39.61 0.44 -2.39
C GLU B 95 38.23 -0.02 -2.85
N SER B 96 38.01 -0.06 -4.17
CA SER B 96 36.73 -0.54 -4.67
C SER B 96 36.52 -2.02 -4.37
N TYR B 97 37.60 -2.79 -4.34
CA TYR B 97 37.47 -4.19 -3.95
C TYR B 97 37.20 -4.33 -2.45
N ALA B 98 37.88 -3.52 -1.64
CA ALA B 98 37.68 -3.58 -0.19
C ALA B 98 36.23 -3.32 0.19
N ASN B 99 35.55 -2.44 -0.55
CA ASN B 99 34.16 -2.11 -0.24
C ASN B 99 33.18 -3.20 -0.64
N VAL B 100 33.64 -4.22 -1.38
CA VAL B 100 32.74 -5.28 -1.83
C VAL B 100 32.09 -5.98 -0.64
N LYS B 101 32.87 -6.25 0.41
CA LYS B 101 32.32 -6.86 1.61
C LYS B 101 31.21 -6.02 2.22
N GLN B 102 31.30 -4.69 2.10
CA GLN B 102 30.23 -3.82 2.61
C GLN B 102 29.01 -3.85 1.69
N TRP B 103 29.23 -3.87 0.38
CA TRP B 103 28.11 -3.98 -0.55
C TRP B 103 27.36 -5.27 -0.34
N LEU B 104 28.09 -6.38 -0.10
CA LEU B 104 27.43 -7.66 0.10
C LEU B 104 26.68 -7.71 1.43
N GLN B 105 27.17 -7.03 2.45
CA GLN B 105 26.46 -6.99 3.72
C GLN B 105 25.16 -6.22 3.61
N GLU B 106 25.12 -5.16 2.79
CA GLU B 106 23.88 -4.45 2.58
C GLU B 106 22.86 -5.29 1.83
N ILE B 107 23.33 -6.24 1.01
CA ILE B 107 22.42 -7.19 0.38
C ILE B 107 21.91 -8.20 1.40
N ASP B 108 22.82 -8.83 2.13
CA ASP B 108 22.45 -9.89 3.07
C ASP B 108 21.58 -9.35 4.20
N ARG B 109 21.92 -8.17 4.71
CA ARG B 109 21.23 -7.66 5.90
C ARG B 109 19.76 -7.40 5.63
N TYR B 110 19.43 -6.92 4.41
CA TYR B 110 18.09 -6.43 4.13
C TYR B 110 17.38 -7.23 3.05
N ALA B 111 18.00 -7.42 1.90
CA ALA B 111 17.35 -8.10 0.79
C ALA B 111 17.02 -9.55 1.14
N GLU B 113 15.71 -12.10 -0.09
CA GLU B 113 15.13 -13.43 -0.09
C GLU B 113 15.91 -14.37 -1.01
N ASN B 114 17.18 -14.62 -0.66
CA ASN B 114 18.05 -15.52 -1.40
C ASN B 114 18.20 -15.07 -2.85
N VAL B 115 18.55 -13.80 -3.03
CA VAL B 115 18.78 -13.24 -4.36
C VAL B 115 20.03 -13.87 -4.98
N ASN B 116 20.03 -13.99 -6.30
CA ASN B 116 21.23 -14.43 -7.00
C ASN B 116 22.26 -13.32 -7.03
N LYS B 117 23.52 -13.69 -6.84
CA LYS B 117 24.62 -12.73 -6.79
C LYS B 117 25.71 -13.16 -7.77
N LEU B 118 26.40 -12.15 -8.31
CA LEU B 118 27.57 -12.37 -9.15
C LEU B 118 28.59 -11.28 -8.84
N LEU B 119 29.86 -11.66 -8.70
CA LEU B 119 30.94 -10.73 -8.44
C LEU B 119 31.74 -10.49 -9.72
N VAL B 120 31.87 -9.22 -10.10
CA VAL B 120 32.55 -8.83 -11.34
C VAL B 120 33.71 -7.90 -11.00
N GLY B 121 34.90 -8.26 -11.47
CA GLY B 121 36.01 -7.34 -11.51
C GLY B 121 36.15 -6.72 -12.89
N ASN B 122 35.80 -5.43 -13.01
CA ASN B 122 35.78 -4.76 -14.30
C ASN B 122 37.12 -4.09 -14.61
N LYS B 123 37.28 -3.70 -15.87
CA LYS B 123 38.48 -3.02 -16.39
C LYS B 123 39.67 -3.97 -16.52
N SER B 124 39.40 -5.25 -16.82
CA SER B 124 40.48 -6.24 -16.92
C SER B 124 41.43 -5.96 -18.07
N ASP B 125 41.12 -5.02 -18.96
CA ASP B 125 42.04 -4.67 -20.03
C ASP B 125 43.25 -3.91 -19.51
N LEU B 126 43.15 -3.30 -18.32
CA LEU B 126 44.24 -2.47 -17.79
C LEU B 126 45.21 -3.33 -16.98
N THR B 127 45.90 -4.21 -17.71
CA THR B 127 46.70 -5.23 -17.04
C THR B 127 47.96 -4.67 -16.40
N THR B 128 48.43 -3.49 -16.85
CA THR B 128 49.56 -2.85 -16.19
C THR B 128 49.15 -2.10 -14.92
N LYS B 129 47.86 -1.94 -14.69
CA LYS B 129 47.36 -1.28 -13.49
C LYS B 129 46.57 -2.21 -12.58
N LYS B 130 46.46 -3.49 -12.95
CA LYS B 130 45.62 -4.44 -12.24
C LYS B 130 46.30 -4.84 -10.93
N VAL B 131 45.73 -4.39 -9.82
CA VAL B 131 46.32 -4.65 -8.51
C VAL B 131 45.45 -5.52 -7.62
N VAL B 132 44.18 -5.71 -7.93
CA VAL B 132 43.32 -6.60 -7.16
C VAL B 132 43.56 -8.03 -7.66
N ASP B 133 44.13 -8.87 -6.79
CA ASP B 133 44.50 -10.23 -7.18
C ASP B 133 43.25 -11.05 -7.46
N ASN B 134 43.15 -11.59 -8.68
CA ASN B 134 41.96 -12.35 -9.03
C ASN B 134 41.88 -13.69 -8.30
N THR B 135 43.03 -14.25 -7.90
CA THR B 135 43.01 -15.47 -7.11
C THR B 135 42.32 -15.23 -5.76
N THR B 136 42.68 -14.13 -5.10
CA THR B 136 42.05 -13.77 -3.83
C THR B 136 40.57 -13.45 -4.02
N ALA B 137 40.24 -12.71 -5.07
CA ALA B 137 38.83 -12.39 -5.33
C ALA B 137 38.04 -13.65 -5.66
N LYS B 138 38.64 -14.57 -6.43
CA LYS B 138 37.95 -15.81 -6.77
C LYS B 138 37.69 -16.66 -5.52
N GLU B 139 38.69 -16.80 -4.66
CA GLU B 139 38.51 -17.62 -3.46
C GLU B 139 37.51 -16.99 -2.51
N PHE B 140 37.50 -15.66 -2.42
CA PHE B 140 36.52 -14.99 -1.57
C PHE B 140 35.09 -15.23 -2.08
N ALA B 141 34.90 -15.10 -3.40
CA ALA B 141 33.59 -15.36 -4.00
C ALA B 141 33.19 -16.82 -3.84
N ASP B 142 34.15 -17.74 -3.97
CA ASP B 142 33.84 -19.17 -3.83
C ASP B 142 33.41 -19.51 -2.41
N SER B 143 34.00 -18.84 -1.42
CA SER B 143 33.63 -19.10 -0.03
C SER B 143 32.18 -18.73 0.23
N LEU B 144 31.62 -17.79 -0.56
CA LEU B 144 30.25 -17.36 -0.41
C LEU B 144 29.32 -17.98 -1.46
N GLY B 145 29.82 -18.92 -2.26
CA GLY B 145 29.00 -19.53 -3.28
C GLY B 145 28.62 -18.62 -4.42
N ILE B 146 29.36 -17.54 -4.62
CA ILE B 146 29.05 -16.52 -5.62
C ILE B 146 29.97 -16.72 -6.81
N PRO B 147 29.45 -16.85 -8.03
CA PRO B 147 30.33 -16.93 -9.20
C PRO B 147 31.10 -15.63 -9.39
N PHE B 148 32.25 -15.74 -10.05
CA PHE B 148 33.19 -14.65 -10.20
C PHE B 148 33.63 -14.54 -11.66
N LEU B 149 33.64 -13.32 -12.19
CA LEU B 149 34.10 -13.04 -13.55
C LEU B 149 34.87 -11.74 -13.57
N GLU B 150 35.94 -11.72 -14.36
CA GLU B 150 36.63 -10.49 -14.71
C GLU B 150 36.17 -10.04 -16.09
N THR B 151 35.85 -8.75 -16.22
CA THR B 151 35.25 -8.22 -17.42
C THR B 151 36.01 -6.99 -17.90
N SER B 152 35.76 -6.62 -19.15
CA SER B 152 36.20 -5.35 -19.70
C SER B 152 35.06 -4.79 -20.54
N ALA B 153 34.42 -3.73 -20.05
CA ALA B 153 33.44 -3.03 -20.87
C ALA B 153 34.08 -2.45 -22.11
N LYS B 154 35.34 -2.02 -22.00
CA LYS B 154 36.04 -1.43 -23.14
C LYS B 154 36.30 -2.45 -24.22
N ASN B 155 36.80 -3.63 -23.84
CA ASN B 155 37.12 -4.69 -24.79
C ASN B 155 35.96 -5.65 -25.05
N ALA B 156 34.84 -5.49 -24.35
CA ALA B 156 33.66 -6.35 -24.38
C ALA B 156 33.94 -7.75 -23.84
N THR B 157 35.05 -7.94 -23.11
CA THR B 157 35.39 -9.27 -22.61
C THR B 157 34.49 -9.66 -21.44
N ASN B 158 33.84 -10.82 -21.56
CA ASN B 158 33.02 -11.44 -20.52
C ASN B 158 31.81 -10.63 -20.13
N VAL B 159 31.53 -9.52 -20.82
CA VAL B 159 30.37 -8.70 -20.49
C VAL B 159 29.09 -9.46 -20.77
N GLU B 160 28.93 -9.95 -22.01
CA GLU B 160 27.80 -10.80 -22.34
C GLU B 160 27.70 -11.98 -21.38
N GLN B 161 28.81 -12.70 -21.18
CA GLN B 161 28.79 -13.91 -20.36
C GLN B 161 28.35 -13.62 -18.93
N ALA B 162 28.68 -12.45 -18.39
CA ALA B 162 28.30 -12.12 -17.02
C ALA B 162 26.78 -12.00 -16.88
N PHE B 163 26.15 -11.20 -17.75
CA PHE B 163 24.70 -11.05 -17.67
C PHE B 163 23.98 -12.32 -18.06
N MET B 164 24.52 -13.06 -19.04
CA MET B 164 23.90 -14.32 -19.45
C MET B 164 23.98 -15.35 -18.33
N THR B 165 25.12 -15.42 -17.63
CA THR B 165 25.27 -16.38 -16.54
C THR B 165 24.34 -16.04 -15.38
N MET B 166 24.22 -14.76 -15.05
CA MET B 166 23.27 -14.34 -14.02
C MET B 166 21.85 -14.73 -14.40
N ALA B 167 21.46 -14.50 -15.66
CA ALA B 167 20.13 -14.88 -16.11
C ALA B 167 19.92 -16.38 -15.99
N ALA B 168 20.94 -17.16 -16.33
CA ALA B 168 20.81 -18.62 -16.25
C ALA B 168 20.67 -19.09 -14.80
N GLU B 169 21.41 -18.47 -13.87
CA GLU B 169 21.30 -18.88 -12.48
C GLU B 169 19.94 -18.53 -11.90
N ILE B 170 19.34 -17.41 -12.31
CA ILE B 170 18.00 -17.07 -11.85
C ILE B 170 16.98 -18.06 -12.41
N LYS B 171 17.10 -18.41 -13.69
CA LYS B 171 16.20 -19.39 -14.29
C LYS B 171 16.29 -20.74 -13.57
N LYS B 172 17.48 -21.10 -13.08
CA LYS B 172 17.66 -22.40 -12.45
C LYS B 172 17.01 -22.46 -11.06
N ARG B 173 16.87 -21.31 -10.39
CA ARG B 173 16.31 -21.30 -9.05
C ARG B 173 14.80 -21.12 -9.01
N MET B 174 14.18 -20.74 -10.13
CA MET B 174 12.73 -20.54 -10.17
C MET B 174 11.97 -21.84 -9.96
CA CA C . -1.88 1.25 -2.31
CA CA D . -1.60 -1.25 -4.73
CA CA E . 1.94 1.84 -0.65
PB GDP F . 30.01 3.90 -12.82
O1B GDP F . 28.72 3.73 -13.61
O2B GDP F . 30.00 5.17 -12.01
O3B GDP F . 30.16 2.70 -11.90
O3A GDP F . 31.26 3.86 -13.82
PA GDP F . 31.21 4.43 -15.32
O1A GDP F . 30.59 3.41 -16.23
O2A GDP F . 30.49 5.76 -15.39
O5' GDP F . 32.78 4.62 -15.64
C5' GDP F . 33.19 5.62 -16.56
C4' GDP F . 34.71 5.68 -16.62
O4' GDP F . 35.25 4.40 -16.32
C3' GDP F . 35.10 6.03 -18.04
O3' GDP F . 35.96 7.18 -18.03
C2' GDP F . 35.83 4.81 -18.58
O2' GDP F . 37.05 5.20 -19.21
C1' GDP F . 36.11 3.94 -17.36
N9 GDP F . 35.85 2.51 -17.66
C8 GDP F . 34.69 1.85 -17.46
N7 GDP F . 34.79 0.55 -17.84
C5 GDP F . 36.06 0.36 -18.30
C6 GDP F . 36.84 -0.77 -18.84
O6 GDP F . 36.33 -1.91 -18.97
N1 GDP F . 38.11 -0.56 -19.19
C2 GDP F . 38.70 0.66 -19.06
N2 GDP F . 39.98 0.81 -19.43
N3 GDP F . 38.04 1.74 -18.56
C4 GDP F . 36.73 1.65 -18.17
CA CA G . 26.63 4.97 -13.29
C25 OJU H . 3.40 3.66 -9.23
P OJU H . 1.66 0.18 -4.89
O1 OJU H . 1.85 1.27 -3.91
O2 OJU H . 1.76 0.79 -6.38
O3 OJU H . 0.23 -0.50 -4.68
C01 OJU H . 1.16 4.25 -7.85
C03 OJU H . 0.37 3.64 -10.00
C04 OJU H . 2.31 2.57 -9.15
C05 OJU H . 0.16 2.12 -8.20
C06 OJU H . 0.79 1.60 -6.91
C29 OJU H . 3.98 3.66 -10.65
C32 OJU H . 3.04 5.40 -12.23
C37 OJU H . 3.05 6.83 -12.77
N02 OJU H . 1.00 3.15 -8.79
N31 OJU H . 3.97 5.03 -11.17
O36 OJU H . 2.29 4.60 -12.67
#